data_4PH9
#
_entry.id   4PH9
#
_cell.length_a   120.941
_cell.length_b   132.228
_cell.length_c   180.462
_cell.angle_alpha   90.00
_cell.angle_beta   90.00
_cell.angle_gamma   90.00
#
_symmetry.space_group_name_H-M   'I 2 2 2'
#
loop_
_entity.id
_entity.type
_entity.pdbx_description
1 polymer 'Prostaglandin G/H synthase 2'
2 branched 2-acetamido-2-deoxy-beta-D-glucopyranose-(1-4)-2-acetamido-2-deoxy-beta-D-glucopyranose
3 branched alpha-D-mannopyranose-(1-4)-2-acetamido-2-deoxy-beta-D-glucopyranose-(1-4)-2-acetamido-2-deoxy-beta-D-glucopyranose
4 non-polymer IBUPROFEN
5 non-polymer 'PROTOPORPHYRIN IX CONTAINING FE'
6 non-polymer 'octyl beta-D-glucopyranoside'
7 non-polymer 2-acetamido-2-deoxy-beta-D-glucopyranose
8 non-polymer 'ACRYLIC ACID'
9 non-polymer 1,2-ETHANEDIOL
10 water water
#
_entity_poly.entity_id   1
_entity_poly.type   'polypeptide(L)'
_entity_poly.pdbx_seq_one_letter_code
;HHPCCSNPCQNRGECMSTGFDQYKCDCTRTGFYGENCTTPEFLTRIKLLLKPTPNTVHYILTHFKGVWNIVNNIPFLRSL
IMKYVLTSRSYLIDSPPTYNVHYGYKSWEAFSNLSYYTRALPPVADDCPTPMGVKGNKELPDSKEVLEKVLLRREFIPDP
QGSNMMFAFFAQHFTHQFFKTDHKRGPGFTRGLGHGVDLNHIYGETLDRQHKLRLFKDGKLKYQVIGGEVYPPTVKDTQV
EMIYPPHIPENLQFAVGQEVFGLVPGLMMYATIWLREHNRVCDILKQEHPEWGDEQLFQTSRLILIGETIKIVIEDYVQH
LSGYHFKLKFDPELLFNQQFQYQNRIASEFNTLYHWHPLLPDTFNIEDQEYSFKQFLYNNSILLEHGLTQFVESFTRQIA
GRVAGGRNVPIAVQAVAKASIDQSREMKYQSLNEYRKRFSLKPYTSFEELTGEKEMAAELKALYSDIDVMELYPALLVEK
PRPDAIFGETMVELGAPFSLKGLMGNPICSPQYWKPSTFGGEVGFKIINTASIQSLICNNVKGCPFTSFNV
;
_entity_poly.pdbx_strand_id   A,B
#
# COMPACT_ATOMS: atom_id res chain seq x y z
N HIS A 1 -9.38 -29.63 19.76
CA HIS A 1 -8.58 -28.44 19.47
C HIS A 1 -8.30 -28.28 17.96
N HIS A 2 -7.85 -27.10 17.55
CA HIS A 2 -7.49 -26.86 16.15
C HIS A 2 -6.50 -27.91 15.63
N PRO A 3 -6.83 -28.54 14.48
CA PRO A 3 -6.03 -29.55 13.78
C PRO A 3 -4.62 -29.07 13.41
N CYS A 4 -4.43 -27.76 13.30
CA CYS A 4 -3.13 -27.21 12.92
C CYS A 4 -2.29 -26.81 14.13
N CYS A 5 -2.80 -27.07 15.32
CA CYS A 5 -2.08 -26.68 16.56
C CYS A 5 -0.61 -27.11 16.61
N SER A 6 -0.29 -28.27 16.03
CA SER A 6 1.07 -28.81 16.06
C SER A 6 2.00 -28.18 15.02
N ASN A 7 1.46 -27.28 14.22
CA ASN A 7 2.19 -26.65 13.12
C ASN A 7 2.76 -27.69 12.17
N PRO A 8 1.89 -28.56 11.63
CA PRO A 8 2.40 -29.70 10.86
C PRO A 8 3.03 -29.33 9.53
N CYS A 9 2.61 -28.24 8.88
CA CYS A 9 3.12 -27.96 7.54
C CYS A 9 4.46 -27.28 7.59
N GLN A 10 5.39 -27.82 6.81
CA GLN A 10 6.75 -27.31 6.79
C GLN A 10 7.04 -26.47 5.55
N ASN A 11 8.18 -25.80 5.59
CA ASN A 11 8.74 -25.12 4.43
C ASN A 11 7.79 -24.06 3.82
N ARG A 12 7.12 -23.32 4.72
N ARG A 12 7.09 -23.34 4.72
CA ARG A 12 6.20 -22.24 4.36
CA ARG A 12 6.18 -22.24 4.39
C ARG A 12 4.97 -22.75 3.60
C ARG A 12 4.84 -22.70 3.83
N GLY A 13 4.60 -24.01 3.82
CA GLY A 13 3.29 -24.49 3.41
C GLY A 13 2.26 -24.02 4.43
N GLU A 14 1.00 -23.93 4.04
CA GLU A 14 -0.02 -23.33 4.89
C GLU A 14 -1.00 -24.36 5.36
N CYS A 15 -1.33 -24.29 6.64
CA CYS A 15 -2.20 -25.26 7.27
C CYS A 15 -3.65 -24.78 7.34
N MET A 16 -4.58 -25.65 6.93
CA MET A 16 -5.99 -25.35 6.99
C MET A 16 -6.70 -26.53 7.66
N SER A 17 -7.67 -26.28 8.54
CA SER A 17 -8.47 -27.40 9.01
C SER A 17 -9.37 -27.87 7.87
N THR A 18 -9.66 -29.17 7.84
CA THR A 18 -10.60 -29.73 6.86
C THR A 18 -11.73 -30.50 7.55
N GLY A 19 -11.76 -30.46 8.86
CA GLY A 19 -12.81 -31.07 9.64
C GLY A 19 -12.35 -30.77 11.05
N PHE A 20 -13.03 -31.31 12.06
CA PHE A 20 -12.66 -31.02 13.44
C PHE A 20 -11.29 -31.57 13.85
N ASP A 21 -10.81 -32.59 13.15
CA ASP A 21 -9.57 -33.26 13.56
C ASP A 21 -8.71 -33.69 12.39
N GLN A 22 -8.88 -33.02 11.26
CA GLN A 22 -8.06 -33.25 10.09
C GLN A 22 -7.54 -31.91 9.60
N TYR A 23 -6.43 -31.92 8.88
CA TYR A 23 -5.85 -30.70 8.34
C TYR A 23 -5.36 -31.04 6.96
N LYS A 24 -5.15 -30.01 6.16
CA LYS A 24 -4.53 -30.15 4.85
C LYS A 24 -3.46 -29.05 4.73
N CYS A 25 -2.30 -29.40 4.17
CA CYS A 25 -1.24 -28.44 3.88
C CYS A 25 -1.30 -27.99 2.44
N ASP A 26 -1.28 -26.67 2.23
CA ASP A 26 -1.17 -26.10 0.91
C ASP A 26 0.29 -25.82 0.60
N CYS A 27 0.87 -26.63 -0.29
CA CYS A 27 2.31 -26.59 -0.57
C CYS A 27 2.65 -25.72 -1.76
N THR A 28 1.67 -24.96 -2.23
CA THR A 28 1.84 -24.15 -3.44
C THR A 28 3.11 -23.31 -3.37
N ARG A 29 3.93 -23.43 -4.41
CA ARG A 29 5.18 -22.68 -4.61
C ARG A 29 6.20 -22.78 -3.45
N THR A 30 6.08 -23.79 -2.60
CA THR A 30 7.09 -24.02 -1.56
C THR A 30 8.33 -24.76 -2.09
N GLY A 31 8.22 -25.39 -3.25
CA GLY A 31 9.27 -26.25 -3.75
C GLY A 31 9.23 -27.64 -3.12
N PHE A 32 8.19 -27.91 -2.33
CA PHE A 32 7.98 -29.18 -1.64
C PHE A 32 6.55 -29.67 -1.86
N TYR A 33 6.32 -30.98 -1.70
CA TYR A 33 4.98 -31.53 -1.71
C TYR A 33 4.87 -32.62 -0.65
N GLY A 34 3.76 -33.34 -0.62
CA GLY A 34 3.53 -34.35 0.40
C GLY A 34 2.58 -33.83 1.46
N GLU A 35 2.10 -34.71 2.34
CA GLU A 35 1.11 -34.31 3.35
C GLU A 35 1.53 -33.06 4.15
N ASN A 36 2.82 -32.94 4.44
CA ASN A 36 3.31 -31.83 5.27
C ASN A 36 4.28 -30.90 4.56
N CYS A 37 4.31 -30.99 3.23
CA CYS A 37 5.27 -30.27 2.38
C CYS A 37 6.71 -30.58 2.78
N THR A 38 7.07 -31.85 2.89
CA THR A 38 8.45 -32.17 3.27
C THR A 38 9.18 -32.94 2.17
N THR A 39 8.50 -33.29 1.08
CA THR A 39 9.16 -33.92 -0.05
C THR A 39 9.65 -32.90 -1.09
N PRO A 40 10.98 -32.76 -1.22
CA PRO A 40 11.53 -31.77 -2.13
C PRO A 40 11.33 -32.14 -3.60
N GLU A 41 10.97 -31.15 -4.43
CA GLU A 41 11.04 -31.32 -5.87
C GLU A 41 12.51 -31.49 -6.25
N PHE A 42 12.80 -31.92 -7.47
CA PHE A 42 14.19 -32.23 -7.82
C PHE A 42 15.09 -30.99 -7.74
N LEU A 43 14.66 -29.91 -8.37
CA LEU A 43 15.39 -28.64 -8.35
C LEU A 43 15.67 -28.20 -6.93
N THR A 44 14.67 -28.42 -6.07
CA THR A 44 14.77 -28.08 -4.65
C THR A 44 15.89 -28.87 -3.99
N ARG A 45 15.87 -30.19 -4.19
CA ARG A 45 16.94 -31.09 -3.71
C ARG A 45 18.32 -30.52 -4.03
N ILE A 46 18.51 -30.17 -5.30
CA ILE A 46 19.76 -29.58 -5.78
C ILE A 46 20.12 -28.31 -5.03
N LYS A 47 19.16 -27.40 -4.91
CA LYS A 47 19.39 -26.14 -4.22
C LYS A 47 19.84 -26.36 -2.78
N LEU A 48 19.16 -27.28 -2.09
CA LEU A 48 19.48 -27.57 -0.69
C LEU A 48 20.88 -28.13 -0.53
N LEU A 49 21.35 -28.81 -1.57
CA LEU A 49 22.71 -29.35 -1.58
C LEU A 49 23.74 -28.25 -1.77
N LEU A 50 23.40 -27.24 -2.54
CA LEU A 50 24.36 -26.18 -2.86
C LEU A 50 24.32 -24.99 -1.90
N LYS A 51 23.25 -24.87 -1.11
CA LYS A 51 23.06 -23.68 -0.28
C LYS A 51 23.91 -23.71 0.98
N PRO A 52 24.78 -22.71 1.15
CA PRO A 52 25.58 -22.61 2.37
C PRO A 52 24.74 -22.10 3.55
N THR A 53 25.14 -22.45 4.76
CA THR A 53 24.40 -22.03 5.96
C THR A 53 24.66 -20.56 6.26
N PRO A 54 23.76 -19.93 7.04
CA PRO A 54 23.99 -18.52 7.43
C PRO A 54 25.35 -18.31 8.12
N ASN A 55 25.74 -19.22 9.03
CA ASN A 55 27.04 -19.12 9.71
C ASN A 55 28.21 -19.18 8.73
N THR A 56 28.10 -20.01 7.69
CA THR A 56 29.13 -20.05 6.65
C THR A 56 29.24 -18.71 5.93
N VAL A 57 28.11 -18.18 5.44
CA VAL A 57 28.11 -16.90 4.73
C VAL A 57 28.61 -15.78 5.64
N HIS A 58 28.18 -15.78 6.89
CA HIS A 58 28.63 -14.80 7.86
C HIS A 58 30.15 -14.88 8.01
N TYR A 59 30.66 -16.10 8.09
CA TYR A 59 32.11 -16.27 8.20
C TYR A 59 32.79 -15.62 7.00
N ILE A 60 32.29 -15.87 5.79
CA ILE A 60 32.88 -15.32 4.58
C ILE A 60 32.90 -13.79 4.56
N LEU A 61 31.78 -13.20 4.94
CA LEU A 61 31.63 -11.74 4.94
C LEU A 61 32.48 -11.04 6.02
N THR A 62 32.88 -11.78 7.05
CA THR A 62 33.64 -11.19 8.14
C THR A 62 35.11 -11.59 8.15
N HIS A 63 35.54 -12.32 7.13
CA HIS A 63 36.96 -12.61 6.93
C HIS A 63 37.39 -12.22 5.53
N PHE A 64 38.66 -12.44 5.19
CA PHE A 64 39.20 -12.16 3.86
C PHE A 64 39.12 -10.68 3.52
N LYS A 65 39.48 -9.84 4.49
CA LYS A 65 39.34 -8.39 4.36
C LYS A 65 40.08 -7.84 3.14
N GLY A 66 41.19 -8.47 2.78
CA GLY A 66 41.93 -8.08 1.59
C GLY A 66 41.17 -8.28 0.30
N VAL A 67 40.50 -9.42 0.18
CA VAL A 67 39.67 -9.73 -0.98
C VAL A 67 38.50 -8.76 -1.07
N TRP A 68 37.80 -8.54 0.05
CA TRP A 68 36.67 -7.61 0.07
C TRP A 68 37.10 -6.20 -0.31
N ASN A 69 38.32 -5.83 0.04
CA ASN A 69 38.80 -4.48 -0.25
C ASN A 69 38.83 -4.29 -1.76
N ILE A 70 39.23 -5.33 -2.47
CA ILE A 70 39.20 -5.35 -3.92
C ILE A 70 37.76 -5.31 -4.46
N VAL A 71 36.92 -6.21 -3.96
CA VAL A 71 35.51 -6.28 -4.38
C VAL A 71 34.82 -4.92 -4.16
N ASN A 72 35.09 -4.29 -3.03
CA ASN A 72 34.47 -3.00 -2.71
C ASN A 72 34.88 -1.91 -3.68
N ASN A 73 35.96 -2.17 -4.43
CA ASN A 73 36.46 -1.18 -5.38
C ASN A 73 36.15 -1.52 -6.84
N ILE A 74 35.34 -2.56 -7.03
CA ILE A 74 34.85 -2.92 -8.35
C ILE A 74 33.35 -2.65 -8.40
N PRO A 75 32.95 -1.43 -8.84
CA PRO A 75 31.55 -0.97 -8.78
C PRO A 75 30.56 -2.03 -9.25
N PHE A 76 30.88 -2.69 -10.35
CA PHE A 76 30.00 -3.71 -10.93
C PHE A 76 29.74 -4.85 -9.95
N LEU A 77 30.82 -5.31 -9.32
CA LEU A 77 30.78 -6.42 -8.38
C LEU A 77 30.05 -6.03 -7.07
N ARG A 78 30.34 -4.83 -6.59
CA ARG A 78 29.68 -4.33 -5.39
C ARG A 78 28.16 -4.27 -5.62
N SER A 79 27.76 -3.74 -6.77
CA SER A 79 26.35 -3.66 -7.15
C SER A 79 25.69 -5.04 -7.20
N LEU A 80 26.35 -5.98 -7.86
CA LEU A 80 25.85 -7.35 -7.98
C LEU A 80 25.59 -7.99 -6.63
N ILE A 81 26.60 -7.91 -5.76
CA ILE A 81 26.50 -8.49 -4.44
C ILE A 81 25.44 -7.77 -3.59
N MET A 82 25.43 -6.44 -3.59
CA MET A 82 24.44 -5.71 -2.82
C MET A 82 23.03 -6.04 -3.32
N LYS A 83 22.87 -6.14 -4.64
CA LYS A 83 21.59 -6.48 -5.20
C LYS A 83 21.09 -7.83 -4.68
N TYR A 84 22.00 -8.80 -4.60
CA TYR A 84 21.61 -10.13 -4.14
C TYR A 84 21.34 -10.13 -2.62
N VAL A 85 22.06 -9.31 -1.86
CA VAL A 85 21.71 -9.16 -0.44
C VAL A 85 20.26 -8.64 -0.30
N LEU A 86 19.92 -7.61 -1.06
CA LEU A 86 18.57 -7.03 -1.04
C LEU A 86 17.47 -8.03 -1.42
N THR A 87 17.64 -8.70 -2.56
CA THR A 87 16.56 -9.58 -3.02
C THR A 87 16.40 -10.83 -2.20
N SER A 88 17.52 -11.42 -1.78
CA SER A 88 17.47 -12.68 -1.01
C SER A 88 16.88 -12.44 0.37
N ARG A 89 17.20 -11.31 0.99
CA ARG A 89 16.63 -11.02 2.31
C ARG A 89 15.13 -10.68 2.15
N SER A 90 14.81 -9.86 1.15
CA SER A 90 13.42 -9.40 1.02
C SER A 90 12.46 -10.53 0.69
N TYR A 91 12.96 -11.55 0.00
CA TYR A 91 12.14 -12.68 -0.38
C TYR A 91 11.52 -13.40 0.81
N LEU A 92 12.15 -13.28 1.98
CA LEU A 92 11.63 -13.92 3.18
C LEU A 92 10.38 -13.23 3.75
N ILE A 93 10.02 -12.06 3.23
CA ILE A 93 8.93 -11.29 3.83
C ILE A 93 7.69 -11.39 2.95
N ASP A 94 6.55 -11.78 3.51
CA ASP A 94 5.28 -11.73 2.74
C ASP A 94 4.88 -10.30 2.39
N SER A 95 4.66 -10.00 1.12
CA SER A 95 4.31 -8.64 0.71
C SER A 95 3.51 -8.68 -0.60
N PRO A 96 2.21 -8.32 -0.57
CA PRO A 96 1.34 -7.78 0.49
C PRO A 96 1.29 -8.68 1.71
N PRO A 97 1.10 -8.09 2.91
CA PRO A 97 1.20 -8.80 4.18
C PRO A 97 0.02 -9.73 4.39
N THR A 98 0.13 -10.63 5.37
CA THR A 98 -0.87 -11.67 5.58
C THR A 98 -1.46 -11.65 7.00
N TYR A 99 -0.88 -12.41 7.93
CA TYR A 99 -1.49 -12.66 9.25
C TYR A 99 -1.35 -11.49 10.21
N ASN A 100 -2.16 -11.46 11.26
CA ASN A 100 -1.90 -10.55 12.39
C ASN A 100 -2.38 -11.23 13.67
N VAL A 101 -2.37 -10.51 14.80
CA VAL A 101 -2.72 -11.16 16.07
C VAL A 101 -4.13 -11.76 16.12
N HIS A 102 -5.06 -11.21 15.35
CA HIS A 102 -6.43 -11.74 15.35
C HIS A 102 -6.75 -12.68 14.18
N TYR A 103 -5.83 -12.82 13.21
CA TYR A 103 -6.09 -13.61 11.99
C TYR A 103 -4.92 -14.54 11.68
N GLY A 104 -5.10 -15.83 11.97
CA GLY A 104 -4.17 -16.84 11.54
C GLY A 104 -4.47 -17.44 10.19
N TYR A 105 -5.43 -16.82 9.48
CA TYR A 105 -5.77 -17.10 8.10
C TYR A 105 -5.80 -15.72 7.40
N LYS A 106 -5.51 -15.70 6.11
CA LYS A 106 -5.62 -14.44 5.35
C LYS A 106 -7.05 -13.91 5.34
N SER A 107 -7.21 -12.61 5.48
CA SER A 107 -8.53 -11.99 5.50
C SER A 107 -8.43 -10.56 5.00
N TRP A 108 -9.53 -10.02 4.50
CA TRP A 108 -9.49 -8.64 4.04
C TRP A 108 -9.28 -7.71 5.24
N GLU A 109 -9.80 -8.12 6.38
CA GLU A 109 -9.63 -7.32 7.58
C GLU A 109 -8.13 -7.21 7.92
N ALA A 110 -7.41 -8.33 7.84
CA ALA A 110 -5.98 -8.34 8.18
C ALA A 110 -5.19 -7.57 7.12
N PHE A 111 -5.56 -7.71 5.85
CA PHE A 111 -4.88 -6.96 4.82
C PHE A 111 -5.09 -5.45 4.97
N SER A 112 -6.33 -5.03 5.18
CA SER A 112 -6.68 -3.61 5.01
C SER A 112 -6.52 -2.76 6.28
N ASN A 113 -6.53 -3.39 7.44
CA ASN A 113 -6.59 -2.62 8.67
C ASN A 113 -5.16 -2.33 9.16
N LEU A 114 -4.74 -1.11 8.91
CA LEU A 114 -3.37 -0.69 9.18
C LEU A 114 -3.08 -0.50 10.66
N SER A 115 -4.10 -0.52 11.51
CA SER A 115 -3.84 -0.46 12.97
C SER A 115 -3.18 -1.69 13.57
N TYR A 116 -3.17 -2.80 12.85
CA TYR A 116 -2.44 -4.01 13.27
C TYR A 116 -0.99 -4.00 12.87
N TYR A 117 -0.10 -4.50 13.74
CA TYR A 117 1.16 -4.99 13.23
C TYR A 117 0.87 -6.23 12.42
N THR A 118 1.66 -6.53 11.39
CA THR A 118 1.46 -7.81 10.72
C THR A 118 2.22 -8.91 11.47
N ARG A 119 2.07 -10.16 11.02
CA ARG A 119 2.73 -11.29 11.70
C ARG A 119 3.44 -12.17 10.67
N ALA A 120 4.72 -12.41 10.90
CA ALA A 120 5.54 -13.29 10.06
C ALA A 120 5.11 -14.77 10.23
N LEU A 121 4.64 -15.13 11.41
CA LEU A 121 3.97 -16.42 11.63
C LEU A 121 2.64 -16.14 12.31
N PRO A 122 1.59 -16.88 11.92
CA PRO A 122 0.27 -16.71 12.52
C PRO A 122 0.30 -17.02 14.01
N PRO A 123 -0.66 -16.48 14.78
CA PRO A 123 -0.72 -16.85 16.20
C PRO A 123 -1.10 -18.31 16.43
N VAL A 124 -0.66 -18.84 17.57
CA VAL A 124 -1.13 -20.14 18.01
C VAL A 124 -2.61 -20.03 18.30
N ALA A 125 -3.41 -20.94 17.73
CA ALA A 125 -4.86 -20.87 17.90
C ALA A 125 -5.25 -20.92 19.37
N ASP A 126 -6.38 -20.29 19.67
CA ASP A 126 -6.83 -20.09 21.04
C ASP A 126 -7.15 -21.36 21.81
N ASP A 127 -7.48 -22.45 21.11
CA ASP A 127 -7.86 -23.65 21.86
C ASP A 127 -6.78 -24.71 21.89
N CYS A 128 -5.57 -24.38 21.47
CA CYS A 128 -4.50 -25.36 21.47
C CYS A 128 -4.23 -25.85 22.91
N PRO A 129 -3.87 -27.13 23.05
CA PRO A 129 -3.62 -27.79 24.35
C PRO A 129 -2.52 -27.13 25.18
N THR A 130 -1.46 -26.65 24.51
CA THR A 130 -0.36 -25.99 25.18
C THR A 130 -0.11 -24.61 24.56
N PRO A 131 0.61 -23.74 25.28
CA PRO A 131 0.86 -22.39 24.76
C PRO A 131 1.52 -22.38 23.38
N MET A 132 2.43 -23.30 23.12
CA MET A 132 3.11 -23.33 21.83
C MET A 132 2.42 -24.22 20.80
N GLY A 133 1.29 -24.81 21.19
CA GLY A 133 0.54 -25.65 20.25
C GLY A 133 0.17 -26.98 20.88
N VAL A 134 1.03 -27.99 20.71
CA VAL A 134 0.83 -29.27 21.40
C VAL A 134 2.05 -29.67 22.25
N LYS A 135 3.24 -29.14 21.96
CA LYS A 135 4.42 -29.49 22.78
C LYS A 135 4.55 -28.73 24.11
N GLY A 136 5.38 -29.28 25.01
CA GLY A 136 5.68 -28.64 26.27
C GLY A 136 4.61 -28.83 27.33
N ASN A 137 4.77 -28.13 28.46
CA ASN A 137 3.80 -28.19 29.55
C ASN A 137 2.55 -27.38 29.29
N LYS A 138 1.52 -27.58 30.10
CA LYS A 138 0.27 -26.83 30.01
C LYS A 138 0.49 -25.32 30.18
N GLU A 139 1.47 -24.94 31.00
CA GLU A 139 1.81 -23.53 31.15
C GLU A 139 3.28 -23.29 30.83
N LEU A 140 3.60 -22.14 30.26
CA LEU A 140 5.00 -21.75 30.06
C LEU A 140 5.62 -21.40 31.42
N PRO A 141 6.96 -21.44 31.51
CA PRO A 141 7.61 -21.08 32.80
C PRO A 141 7.30 -19.65 33.23
N ASP A 142 7.28 -19.40 34.54
CA ASP A 142 7.06 -18.05 35.07
C ASP A 142 8.03 -17.07 34.40
N SER A 143 7.52 -15.97 33.85
CA SER A 143 8.39 -15.10 33.08
C SER A 143 9.37 -14.37 34.01
N LYS A 144 8.99 -14.16 35.27
CA LYS A 144 9.93 -13.56 36.24
C LYS A 144 11.13 -14.50 36.46
N GLU A 145 10.89 -15.81 36.47
CA GLU A 145 12.00 -16.76 36.60
C GLU A 145 12.90 -16.76 35.36
N VAL A 146 12.31 -16.75 34.18
CA VAL A 146 13.13 -16.64 32.99
C VAL A 146 14.00 -15.38 33.04
N LEU A 147 13.37 -14.27 33.35
CA LEU A 147 14.01 -12.96 33.38
C LEU A 147 15.20 -13.01 34.35
N GLU A 148 14.93 -13.43 35.57
CA GLU A 148 15.96 -13.37 36.63
C GLU A 148 17.08 -14.35 36.36
N LYS A 149 16.75 -15.56 35.91
CA LYS A 149 17.79 -16.56 35.74
C LYS A 149 18.72 -16.28 34.54
N VAL A 150 18.18 -15.86 33.39
CA VAL A 150 19.06 -15.78 32.21
C VAL A 150 19.13 -14.41 31.48
N LEU A 151 18.30 -13.45 31.85
CA LEU A 151 18.29 -12.14 31.17
C LEU A 151 18.95 -10.99 31.94
N LEU A 152 18.68 -10.91 33.24
CA LEU A 152 19.12 -9.76 34.03
C LEU A 152 20.64 -9.66 34.16
N ARG A 153 21.14 -8.44 34.01
CA ARG A 153 22.55 -8.13 34.10
C ARG A 153 23.11 -8.33 35.53
N ARG A 154 24.21 -9.06 35.58
CA ARG A 154 25.06 -9.15 36.78
C ARG A 154 26.14 -8.07 36.60
N GLU A 155 27.27 -8.45 35.99
CA GLU A 155 28.24 -7.46 35.51
C GLU A 155 27.84 -6.97 34.11
N PHE A 156 28.07 -5.70 33.84
CA PHE A 156 27.89 -5.15 32.49
C PHE A 156 28.77 -5.87 31.46
N ILE A 157 28.20 -6.32 30.35
CA ILE A 157 28.98 -6.96 29.31
C ILE A 157 29.02 -6.03 28.12
N PRO A 158 30.21 -5.53 27.79
CA PRO A 158 30.35 -4.57 26.69
C PRO A 158 30.21 -5.29 25.36
N ASP A 159 29.70 -4.57 24.37
CA ASP A 159 29.62 -5.09 23.04
C ASP A 159 31.02 -5.25 22.43
N PRO A 160 31.37 -6.49 22.06
CA PRO A 160 32.65 -6.71 21.39
C PRO A 160 32.78 -6.03 20.03
N GLN A 161 31.66 -5.66 19.39
CA GLN A 161 31.74 -4.92 18.16
C GLN A 161 31.93 -3.43 18.39
N GLY A 162 31.98 -3.00 19.65
CA GLY A 162 32.29 -1.62 19.99
C GLY A 162 31.19 -0.60 19.74
N SER A 163 29.95 -1.06 19.63
CA SER A 163 28.80 -0.15 19.50
C SER A 163 28.84 0.85 20.63
N ASN A 164 28.55 2.12 20.33
CA ASN A 164 28.56 3.17 21.34
C ASN A 164 27.16 3.70 21.64
N MET A 165 27.09 4.76 22.44
CA MET A 165 25.77 5.30 22.78
C MET A 165 25.18 6.14 21.63
N MET A 166 26.02 6.70 20.75
CA MET A 166 25.45 7.28 19.51
C MET A 166 24.65 6.21 18.80
N PHE A 167 25.18 4.99 18.78
CA PHE A 167 24.46 3.90 18.11
C PHE A 167 23.19 3.50 18.86
N ALA A 168 23.30 3.26 20.17
CA ALA A 168 22.13 2.84 20.96
C ALA A 168 20.96 3.82 20.83
N PHE A 169 21.23 5.12 20.98
CA PHE A 169 20.15 6.09 20.85
C PHE A 169 19.70 6.33 19.41
N PHE A 170 20.56 6.07 18.44
CA PHE A 170 20.10 6.12 17.05
C PHE A 170 19.11 5.00 16.82
N ALA A 171 19.45 3.78 17.25
CA ALA A 171 18.55 2.63 17.13
C ALA A 171 17.20 2.95 17.75
N GLN A 172 17.24 3.50 18.97
CA GLN A 172 16.00 3.82 19.66
C GLN A 172 15.20 4.88 18.91
N HIS A 173 15.85 6.00 18.54
CA HIS A 173 15.18 7.10 17.87
C HIS A 173 14.60 6.65 16.51
N PHE A 174 15.44 6.04 15.69
CA PHE A 174 15.04 5.59 14.35
C PHE A 174 13.87 4.60 14.41
N THR A 175 13.97 3.56 15.22
CA THR A 175 12.95 2.50 15.21
C THR A 175 11.64 2.97 15.79
N HIS A 176 11.67 3.97 16.65
CA HIS A 176 10.44 4.37 17.34
C HIS A 176 9.56 5.27 16.44
N GLN A 177 9.91 5.41 15.17
CA GLN A 177 8.93 5.96 14.23
C GLN A 177 8.00 4.85 13.70
N PHE A 178 8.42 3.58 13.75
CA PHE A 178 7.55 2.51 13.20
C PHE A 178 7.24 1.41 14.24
N PHE A 179 7.93 1.44 15.39
CA PHE A 179 7.45 0.70 16.57
C PHE A 179 6.78 1.71 17.53
N LYS A 180 5.45 1.75 17.50
CA LYS A 180 4.64 2.71 18.28
C LYS A 180 3.37 2.03 18.75
N THR A 181 3.50 1.17 19.73
CA THR A 181 2.42 0.26 20.04
C THR A 181 1.24 1.04 20.61
N ASP A 182 0.04 0.67 20.18
CA ASP A 182 -1.19 1.33 20.60
C ASP A 182 -1.73 0.60 21.83
N HIS A 183 -1.25 0.99 22.99
CA HIS A 183 -1.55 0.25 24.23
C HIS A 183 -3.02 0.24 24.58
N LYS A 184 -3.76 1.26 24.15
CA LYS A 184 -5.21 1.29 24.30
C LYS A 184 -5.87 0.07 23.66
N ARG A 185 -5.37 -0.35 22.50
CA ARG A 185 -5.91 -1.52 21.80
C ARG A 185 -5.23 -2.83 22.19
N GLY A 186 -3.93 -2.80 22.40
CA GLY A 186 -3.21 -4.01 22.74
C GLY A 186 -1.88 -4.11 22.05
N PRO A 187 -1.05 -5.07 22.48
CA PRO A 187 0.34 -5.16 21.99
C PRO A 187 0.46 -5.50 20.49
N GLY A 188 -0.61 -6.04 19.91
CA GLY A 188 -0.58 -6.39 18.48
C GLY A 188 -1.01 -5.23 17.58
N PHE A 189 -1.22 -4.05 18.17
CA PHE A 189 -1.65 -2.86 17.47
C PHE A 189 -0.63 -1.72 17.47
N THR A 190 -0.61 -0.97 16.37
CA THR A 190 0.34 0.12 16.16
C THR A 190 -0.33 1.46 15.90
N ARG A 191 0.34 2.52 16.36
CA ARG A 191 -0.06 3.88 15.99
C ARG A 191 0.71 4.39 14.78
N GLY A 192 1.72 3.64 14.33
CA GLY A 192 2.50 4.07 13.16
C GLY A 192 1.85 3.59 11.85
N LEU A 193 0.86 4.31 11.34
CA LEU A 193 0.04 3.79 10.23
C LEU A 193 0.76 3.88 8.90
N GLY A 194 1.88 4.62 8.87
CA GLY A 194 2.73 4.64 7.70
C GLY A 194 3.58 3.39 7.55
N HIS A 195 3.70 2.61 8.64
CA HIS A 195 4.41 1.32 8.61
C HIS A 195 5.80 1.38 8.02
N GLY A 196 6.57 2.39 8.41
CA GLY A 196 7.88 2.52 7.81
C GLY A 196 8.60 3.80 8.10
N VAL A 197 9.56 4.08 7.23
CA VAL A 197 10.43 5.23 7.38
C VAL A 197 9.76 6.45 6.73
N ASP A 198 8.80 7.02 7.44
CA ASP A 198 8.11 8.19 6.96
C ASP A 198 8.51 9.45 7.76
N LEU A 199 9.35 9.25 8.76
CA LEU A 199 9.83 10.34 9.64
C LEU A 199 8.70 11.01 10.42
N ASN A 200 7.69 10.22 10.77
CA ASN A 200 6.62 10.77 11.62
C ASN A 200 7.13 11.14 13.03
N HIS A 201 8.28 10.58 13.42
CA HIS A 201 8.86 10.89 14.72
C HIS A 201 9.50 12.29 14.71
N ILE A 202 9.64 12.89 13.53
CA ILE A 202 10.06 14.29 13.41
C ILE A 202 8.86 15.18 13.07
N TYR A 203 8.04 14.76 12.11
CA TYR A 203 6.98 15.60 11.57
C TYR A 203 5.59 15.38 12.18
N GLY A 204 5.45 14.34 12.98
CA GLY A 204 4.13 14.03 13.51
C GLY A 204 3.40 13.01 12.66
N GLU A 205 2.65 12.15 13.33
CA GLU A 205 1.83 11.11 12.66
C GLU A 205 0.65 11.69 11.88
N THR A 206 0.02 12.73 12.40
CA THR A 206 -1.18 13.30 11.77
C THR A 206 -0.90 14.69 11.22
N LEU A 207 -1.76 15.11 10.30
CA LEU A 207 -1.58 16.40 9.66
C LEU A 207 -1.73 17.54 10.67
N ASP A 208 -2.68 17.41 11.59
CA ASP A 208 -2.90 18.40 12.64
C ASP A 208 -1.63 18.59 13.48
N ARG A 209 -0.99 17.50 13.86
CA ARG A 209 0.25 17.58 14.67
C ARG A 209 1.36 18.24 13.85
N GLN A 210 1.48 17.84 12.58
CA GLN A 210 2.48 18.42 11.70
C GLN A 210 2.34 19.93 11.59
N HIS A 211 1.12 20.38 11.41
CA HIS A 211 0.92 21.80 11.19
C HIS A 211 1.21 22.59 12.46
N LYS A 212 0.96 22.00 13.62
CA LYS A 212 1.34 22.67 14.87
C LYS A 212 2.86 22.74 15.03
N LEU A 213 3.59 21.82 14.40
CA LEU A 213 5.04 21.81 14.55
C LEU A 213 5.72 22.69 13.49
N ARG A 214 4.97 23.10 12.47
CA ARG A 214 5.57 23.82 11.36
C ARG A 214 5.55 25.34 11.54
N LEU A 215 6.59 25.99 11.06
CA LEU A 215 6.69 27.46 11.11
C LEU A 215 5.82 28.17 10.06
N PHE A 216 5.60 27.48 8.94
CA PHE A 216 4.89 28.00 7.76
C PHE A 216 5.58 29.20 7.15
N LYS A 217 6.89 29.26 7.34
CA LYS A 217 7.76 30.16 6.60
C LYS A 217 8.95 29.34 6.19
N ASP A 218 9.33 29.46 4.91
CA ASP A 218 10.54 28.85 4.34
C ASP A 218 10.57 27.32 4.46
N GLY A 219 9.40 26.69 4.65
CA GLY A 219 9.36 25.24 4.74
C GLY A 219 9.69 24.71 6.11
N LYS A 220 9.97 25.59 7.07
CA LYS A 220 10.67 25.18 8.28
C LYS A 220 9.78 24.65 9.42
N LEU A 221 10.43 23.96 10.34
CA LEU A 221 9.84 23.51 11.60
C LEU A 221 10.03 24.59 12.65
N LYS A 222 9.04 24.78 13.53
CA LYS A 222 9.17 25.74 14.63
C LYS A 222 10.35 25.33 15.52
N TYR A 223 10.95 26.31 16.17
CA TYR A 223 12.07 26.02 17.07
C TYR A 223 12.17 27.15 18.13
N GLN A 224 13.06 26.98 19.08
CA GLN A 224 13.40 28.05 20.03
C GLN A 224 14.91 28.14 20.10
N VAL A 225 15.41 29.24 20.66
CA VAL A 225 16.84 29.44 20.81
C VAL A 225 17.14 29.54 22.30
N ILE A 226 18.03 28.70 22.79
CA ILE A 226 18.38 28.67 24.21
C ILE A 226 19.89 28.85 24.27
N GLY A 227 20.35 29.98 24.81
CA GLY A 227 21.79 30.22 24.90
C GLY A 227 22.46 30.22 23.52
N GLY A 228 21.74 30.76 22.54
CA GLY A 228 22.23 30.83 21.17
C GLY A 228 22.12 29.53 20.36
N GLU A 229 21.62 28.47 20.98
CA GLU A 229 21.50 27.14 20.34
C GLU A 229 20.06 26.84 19.95
N VAL A 230 19.87 26.15 18.84
CA VAL A 230 18.51 25.85 18.37
C VAL A 230 18.01 24.54 18.96
N TYR A 231 16.81 24.59 19.52
CA TYR A 231 16.18 23.43 20.14
C TYR A 231 14.74 23.31 19.66
N PRO A 232 14.13 22.13 19.87
CA PRO A 232 12.70 22.05 19.53
C PRO A 232 11.86 23.04 20.36
N PRO A 233 10.70 23.48 19.83
CA PRO A 233 9.85 24.38 20.58
C PRO A 233 9.18 23.67 21.76
N THR A 234 8.41 24.40 22.56
CA THR A 234 7.76 23.78 23.68
C THR A 234 6.34 23.36 23.39
N VAL A 235 5.82 22.54 24.29
CA VAL A 235 4.44 22.09 24.30
C VAL A 235 3.49 23.30 24.42
N LYS A 236 3.83 24.24 25.29
CA LYS A 236 3.02 25.44 25.48
C LYS A 236 2.95 26.28 24.20
N ASP A 237 4.09 26.48 23.57
CA ASP A 237 4.19 27.23 22.32
C ASP A 237 3.33 26.57 21.22
N THR A 238 3.45 25.26 21.08
CA THR A 238 2.88 24.58 19.92
C THR A 238 1.50 23.94 20.12
N GLN A 239 1.14 23.66 21.37
CA GLN A 239 -0.07 22.93 21.70
C GLN A 239 0.02 21.50 21.19
N VAL A 240 1.24 21.03 21.03
CA VAL A 240 1.53 19.66 20.61
C VAL A 240 1.63 18.81 21.88
N GLU A 241 0.79 17.78 22.00
CA GLU A 241 0.87 16.91 23.18
C GLU A 241 2.14 16.10 23.23
N MET A 242 2.69 15.95 24.45
CA MET A 242 3.85 15.12 24.71
C MET A 242 3.63 14.37 26.01
N ILE A 243 4.29 13.23 26.17
CA ILE A 243 4.28 12.54 27.45
C ILE A 243 5.39 13.11 28.34
N TYR A 244 4.99 13.76 29.43
CA TYR A 244 5.95 14.20 30.46
C TYR A 244 5.36 14.01 31.85
N PRO A 245 6.20 13.60 32.83
CA PRO A 245 5.74 13.59 34.23
C PRO A 245 5.39 15.00 34.70
N PRO A 246 4.44 15.11 35.64
CA PRO A 246 3.92 16.41 36.09
C PRO A 246 4.98 17.36 36.62
N HIS A 247 6.14 16.86 37.02
CA HIS A 247 7.16 17.75 37.61
C HIS A 247 8.04 18.45 36.57
N ILE A 248 7.88 18.11 35.31
CA ILE A 248 8.69 18.75 34.29
C ILE A 248 8.16 20.16 34.06
N PRO A 249 9.03 21.17 34.25
CA PRO A 249 8.57 22.55 34.06
C PRO A 249 8.21 22.85 32.61
N GLU A 250 7.32 23.83 32.42
CA GLU A 250 6.86 24.23 31.08
C GLU A 250 8.02 24.44 30.10
N ASN A 251 9.09 25.10 30.54
CA ASN A 251 10.18 25.43 29.63
C ASN A 251 10.98 24.20 29.16
N LEU A 252 10.84 23.07 29.86
CA LEU A 252 11.59 21.87 29.50
C LEU A 252 10.74 20.81 28.79
N GLN A 253 9.49 21.14 28.50
CA GLN A 253 8.62 20.21 27.79
C GLN A 253 8.81 20.43 26.30
N PHE A 254 9.91 19.92 25.76
CA PHE A 254 10.14 20.08 24.32
C PHE A 254 9.09 19.29 23.54
N ALA A 255 8.64 19.85 22.42
CA ALA A 255 7.63 19.23 21.57
C ALA A 255 8.23 18.76 20.24
N VAL A 256 8.15 17.46 19.95
CA VAL A 256 8.70 16.94 18.71
C VAL A 256 7.70 15.95 18.14
N GLY A 257 8.01 15.40 16.97
CA GLY A 257 7.04 14.61 16.22
C GLY A 257 6.55 13.39 17.01
N GLN A 258 7.46 12.74 17.72
CA GLN A 258 7.12 11.55 18.50
C GLN A 258 6.87 11.95 19.97
N GLU A 259 5.63 11.71 20.41
N GLU A 259 5.64 11.70 20.42
CA GLU A 259 5.15 12.01 21.76
CA GLU A 259 5.19 12.07 21.77
C GLU A 259 6.01 11.49 22.91
C GLU A 259 6.04 11.50 22.93
N VAL A 260 6.77 10.41 22.71
CA VAL A 260 7.53 9.81 23.83
C VAL A 260 9.01 10.25 23.91
N PHE A 261 9.46 11.12 23.00
CA PHE A 261 10.89 11.42 22.90
C PHE A 261 11.41 12.37 23.98
N GLY A 262 10.53 13.01 24.74
CA GLY A 262 10.97 13.61 25.99
C GLY A 262 11.44 12.64 27.08
N LEU A 263 11.22 11.33 26.91
CA LEU A 263 11.58 10.28 27.90
C LEU A 263 13.04 10.26 28.27
N VAL A 264 13.92 10.43 27.28
CA VAL A 264 15.34 10.24 27.46
C VAL A 264 16.05 11.32 26.66
N PRO A 265 17.08 11.95 27.27
CA PRO A 265 17.83 13.03 26.61
C PRO A 265 18.58 12.55 25.35
N GLY A 266 18.90 11.26 25.27
CA GLY A 266 19.47 10.67 24.08
C GLY A 266 18.52 10.74 22.87
N LEU A 267 17.23 10.58 23.13
CA LEU A 267 16.23 10.73 22.05
C LEU A 267 16.10 12.19 21.70
N MET A 268 16.08 13.06 22.71
N MET A 268 16.08 13.04 22.71
CA MET A 268 15.90 14.48 22.44
CA MET A 268 15.94 14.48 22.50
C MET A 268 17.14 15.07 21.73
C MET A 268 17.13 15.05 21.73
N MET A 269 18.29 14.47 21.94
CA MET A 269 19.49 14.86 21.21
C MET A 269 19.27 14.62 19.70
N TYR A 270 18.88 13.41 19.33
CA TYR A 270 18.60 13.18 17.89
C TYR A 270 17.41 13.97 17.37
N ALA A 271 16.37 14.14 18.19
CA ALA A 271 15.25 14.98 17.75
C ALA A 271 15.71 16.39 17.37
N THR A 272 16.65 16.92 18.15
CA THR A 272 17.17 18.26 17.91
C THR A 272 18.05 18.27 16.66
N ILE A 273 18.88 17.25 16.52
CA ILE A 273 19.78 17.17 15.38
C ILE A 273 18.97 17.10 14.08
N TRP A 274 17.91 16.28 14.06
CA TRP A 274 17.14 16.13 12.84
C TRP A 274 16.29 17.36 12.57
N LEU A 275 15.84 17.99 13.63
CA LEU A 275 15.07 19.23 13.44
C LEU A 275 15.98 20.26 12.78
N ARG A 276 17.21 20.41 13.27
CA ARG A 276 18.17 21.32 12.64
C ARG A 276 18.44 20.94 11.17
N GLU A 277 18.60 19.65 10.91
CA GLU A 277 18.82 19.16 9.55
C GLU A 277 17.66 19.53 8.61
N HIS A 278 16.41 19.38 9.04
CA HIS A 278 15.28 19.79 8.21
C HIS A 278 15.41 21.27 7.84
N ASN A 279 15.68 22.11 8.83
CA ASN A 279 15.72 23.54 8.56
C ASN A 279 16.95 23.93 7.73
N ARG A 280 18.04 23.19 7.87
CA ARG A 280 19.24 23.36 7.04
C ARG A 280 18.89 23.09 5.56
N VAL A 281 18.22 21.96 5.34
CA VAL A 281 17.85 21.58 3.96
C VAL A 281 16.90 22.59 3.36
N CYS A 282 16.01 23.11 4.19
CA CYS A 282 15.12 24.18 3.76
C CYS A 282 15.91 25.38 3.22
N ASP A 283 16.95 25.78 3.95
CA ASP A 283 17.79 26.88 3.50
C ASP A 283 18.43 26.57 2.15
N ILE A 284 18.92 25.35 1.99
CA ILE A 284 19.56 24.97 0.72
C ILE A 284 18.54 25.05 -0.42
N LEU A 285 17.37 24.44 -0.22
CA LEU A 285 16.35 24.46 -1.26
C LEU A 285 15.91 25.86 -1.63
N LYS A 286 15.82 26.72 -0.63
CA LYS A 286 15.40 28.09 -0.89
C LYS A 286 16.43 28.82 -1.76
N GLN A 287 17.72 28.58 -1.50
CA GLN A 287 18.77 29.09 -2.39
C GLN A 287 18.61 28.58 -3.85
N GLU A 288 18.29 27.30 -3.98
CA GLU A 288 18.14 26.72 -5.30
C GLU A 288 16.83 27.15 -5.94
N HIS A 289 15.83 27.42 -5.10
CA HIS A 289 14.49 27.67 -5.56
C HIS A 289 13.85 28.88 -4.89
N PRO A 290 14.35 30.09 -5.22
CA PRO A 290 13.76 31.32 -4.66
C PRO A 290 12.28 31.48 -4.98
N GLU A 291 11.82 30.80 -6.02
CA GLU A 291 10.46 30.89 -6.48
C GLU A 291 9.50 29.97 -5.70
N TRP A 292 10.06 29.04 -4.91
CA TRP A 292 9.20 28.06 -4.21
C TRP A 292 8.54 28.67 -2.99
N GLY A 293 7.36 28.17 -2.64
CA GLY A 293 6.68 28.57 -1.42
C GLY A 293 7.00 27.61 -0.25
N ASP A 294 6.45 27.94 0.91
CA ASP A 294 6.69 27.18 2.14
C ASP A 294 6.26 25.72 2.01
N GLU A 295 5.09 25.45 1.42
CA GLU A 295 4.60 24.07 1.37
C GLU A 295 5.55 23.19 0.57
N GLN A 296 6.00 23.64 -0.60
CA GLN A 296 6.91 22.80 -1.39
C GLN A 296 8.29 22.66 -0.75
N LEU A 297 8.78 23.74 -0.14
CA LEU A 297 10.02 23.64 0.62
C LEU A 297 9.90 22.60 1.74
N PHE A 298 8.79 22.65 2.48
CA PHE A 298 8.61 21.71 3.58
C PHE A 298 8.56 20.28 3.06
N GLN A 299 7.74 20.03 2.05
CA GLN A 299 7.52 18.66 1.58
C GLN A 299 8.79 18.13 0.93
N THR A 300 9.48 18.95 0.15
CA THR A 300 10.67 18.46 -0.50
C THR A 300 11.78 18.15 0.51
N SER A 301 11.89 18.97 1.55
CA SER A 301 12.86 18.68 2.60
C SER A 301 12.55 17.40 3.32
N ARG A 302 11.27 17.13 3.57
CA ARG A 302 10.90 15.86 4.18
C ARG A 302 11.35 14.68 3.32
N LEU A 303 11.13 14.76 2.00
CA LEU A 303 11.55 13.67 1.15
C LEU A 303 13.06 13.48 1.20
N ILE A 304 13.80 14.58 1.18
CA ILE A 304 15.25 14.53 1.31
C ILE A 304 15.69 13.90 2.64
N LEU A 305 15.05 14.28 3.74
CA LEU A 305 15.45 13.69 5.02
C LEU A 305 15.10 12.20 5.09
N ILE A 306 13.99 11.80 4.48
CA ILE A 306 13.67 10.37 4.38
C ILE A 306 14.80 9.66 3.64
N GLY A 307 15.22 10.20 2.50
CA GLY A 307 16.40 9.66 1.80
C GLY A 307 17.66 9.62 2.65
N GLU A 308 17.97 10.71 3.34
CA GLU A 308 19.14 10.73 4.22
C GLU A 308 19.07 9.62 5.25
N THR A 309 17.87 9.41 5.78
CA THR A 309 17.70 8.44 6.84
C THR A 309 18.02 7.05 6.33
N ILE A 310 17.41 6.67 5.21
CA ILE A 310 17.67 5.35 4.63
C ILE A 310 19.16 5.17 4.30
N LYS A 311 19.77 6.21 3.72
CA LYS A 311 21.18 6.19 3.36
C LYS A 311 22.05 5.87 4.58
N ILE A 312 21.81 6.61 5.66
CA ILE A 312 22.57 6.45 6.89
C ILE A 312 22.29 5.08 7.55
N VAL A 313 21.02 4.66 7.52
CA VAL A 313 20.71 3.38 8.15
C VAL A 313 21.41 2.24 7.41
N ILE A 314 21.47 2.29 6.08
CA ILE A 314 22.17 1.23 5.37
C ILE A 314 23.71 1.33 5.51
N GLU A 315 24.27 2.50 5.21
CA GLU A 315 25.72 2.57 4.97
C GLU A 315 26.55 2.89 6.20
N ASP A 316 25.90 3.35 7.27
CA ASP A 316 26.54 3.53 8.57
C ASP A 316 26.05 2.52 9.60
N TYR A 317 24.75 2.51 9.81
CA TYR A 317 24.12 1.76 10.90
C TYR A 317 24.15 0.26 10.65
N VAL A 318 23.56 -0.17 9.55
CA VAL A 318 23.55 -1.60 9.25
C VAL A 318 24.99 -2.04 8.94
N GLN A 319 25.75 -1.19 8.27
CA GLN A 319 27.16 -1.52 7.98
C GLN A 319 27.89 -1.88 9.26
N HIS A 320 27.74 -1.02 10.27
CA HIS A 320 28.37 -1.25 11.57
C HIS A 320 27.90 -2.54 12.20
N LEU A 321 26.59 -2.73 12.26
CA LEU A 321 26.02 -3.91 12.90
C LEU A 321 26.46 -5.19 12.24
N SER A 322 26.57 -5.16 10.91
CA SER A 322 26.80 -6.38 10.13
C SER A 322 28.13 -7.01 10.51
N GLY A 323 29.12 -6.14 10.74
CA GLY A 323 30.51 -6.58 10.92
C GLY A 323 31.16 -7.02 9.62
N TYR A 324 30.51 -6.77 8.48
CA TYR A 324 31.01 -7.24 7.18
C TYR A 324 32.14 -6.40 6.63
N HIS A 325 33.04 -7.05 5.90
CA HIS A 325 34.09 -6.33 5.22
C HIS A 325 33.54 -5.78 3.91
N PHE A 326 32.45 -6.37 3.44
CA PHE A 326 31.78 -5.88 2.24
C PHE A 326 31.13 -4.53 2.54
N LYS A 327 31.23 -3.62 1.59
CA LYS A 327 30.74 -2.25 1.77
C LYS A 327 29.33 -2.13 1.20
N LEU A 328 28.35 -2.13 2.10
CA LEU A 328 26.93 -2.01 1.71
C LEU A 328 26.69 -0.72 0.95
N LYS A 329 25.61 -0.70 0.18
CA LYS A 329 25.31 0.44 -0.67
C LYS A 329 23.81 0.78 -0.61
N PHE A 330 23.46 2.03 -0.40
CA PHE A 330 22.09 2.46 -0.66
C PHE A 330 21.96 2.89 -2.12
N ASP A 331 21.29 2.07 -2.92
CA ASP A 331 21.14 2.37 -4.34
C ASP A 331 19.84 1.75 -4.87
N PRO A 332 18.77 2.54 -4.89
CA PRO A 332 17.46 2.06 -5.35
C PRO A 332 17.51 1.43 -6.76
N GLU A 333 18.45 1.88 -7.59
CA GLU A 333 18.55 1.36 -8.97
C GLU A 333 18.83 -0.13 -9.04
N LEU A 334 19.43 -0.69 -7.99
CA LEU A 334 19.76 -2.12 -7.96
C LEU A 334 18.51 -2.98 -8.09
N LEU A 335 17.36 -2.44 -7.71
CA LEU A 335 16.13 -3.24 -7.76
C LEU A 335 15.28 -3.01 -9.00
N PHE A 336 15.69 -2.09 -9.87
CA PHE A 336 14.82 -1.66 -10.97
C PHE A 336 14.62 -2.75 -12.02
N ASN A 337 15.52 -3.73 -12.08
CA ASN A 337 15.39 -4.87 -13.01
C ASN A 337 14.93 -6.13 -12.26
N GLN A 338 14.50 -5.96 -11.01
CA GLN A 338 14.17 -7.08 -10.13
C GLN A 338 12.69 -7.06 -9.83
N GLN A 339 12.13 -8.20 -9.43
CA GLN A 339 10.78 -8.22 -8.86
C GLN A 339 10.87 -7.75 -7.43
N PHE A 340 10.14 -6.69 -7.09
CA PHE A 340 10.21 -6.15 -5.74
C PHE A 340 8.96 -5.32 -5.50
N GLN A 341 8.35 -5.46 -4.31
CA GLN A 341 7.16 -4.68 -3.96
C GLN A 341 7.50 -3.43 -3.12
N TYR A 342 7.22 -2.23 -3.63
CA TYR A 342 7.47 -1.01 -2.87
C TYR A 342 6.35 -0.77 -1.88
N GLN A 343 6.29 -1.65 -0.89
CA GLN A 343 5.36 -1.51 0.21
C GLN A 343 5.90 -2.36 1.36
N ASN A 344 5.41 -2.08 2.56
CA ASN A 344 5.79 -2.90 3.71
C ASN A 344 4.81 -2.67 4.85
N ARG A 345 4.67 -3.70 5.67
CA ARG A 345 3.81 -3.66 6.84
C ARG A 345 4.71 -4.12 8.00
N ILE A 346 4.72 -3.36 9.07
CA ILE A 346 5.62 -3.64 10.20
C ILE A 346 5.17 -4.90 10.96
N ALA A 347 6.08 -5.84 11.14
CA ALA A 347 5.74 -7.11 11.80
C ALA A 347 5.92 -7.00 13.30
N SER A 348 5.01 -7.60 14.05
CA SER A 348 5.10 -7.65 15.50
C SER A 348 6.45 -8.28 15.96
N GLU A 349 6.90 -9.28 15.21
CA GLU A 349 8.10 -10.01 15.59
C GLU A 349 9.34 -9.17 15.35
N PHE A 350 9.26 -8.26 14.38
CA PHE A 350 10.33 -7.29 14.13
C PHE A 350 10.43 -6.35 15.33
N ASN A 351 9.29 -5.87 15.79
CA ASN A 351 9.19 -5.09 17.02
C ASN A 351 9.82 -5.86 18.20
N THR A 352 9.40 -7.09 18.42
CA THR A 352 9.89 -7.88 19.58
C THR A 352 11.41 -8.09 19.53
N LEU A 353 11.93 -8.45 18.36
CA LEU A 353 13.35 -8.77 18.26
C LEU A 353 14.21 -7.52 18.44
N TYR A 354 13.63 -6.33 18.23
CA TYR A 354 14.36 -5.06 18.38
C TYR A 354 14.36 -4.47 19.80
N HIS A 355 13.85 -5.21 20.77
CA HIS A 355 13.90 -4.77 22.16
C HIS A 355 15.35 -4.93 22.66
N TRP A 356 16.21 -4.02 22.23
CA TRP A 356 17.65 -4.20 22.43
C TRP A 356 18.12 -3.50 23.72
N HIS A 357 17.32 -3.61 24.77
CA HIS A 357 17.69 -2.94 26.03
C HIS A 357 19.04 -3.36 26.67
N PRO A 358 19.58 -4.57 26.36
CA PRO A 358 20.96 -4.83 26.82
C PRO A 358 22.02 -3.83 26.33
N LEU A 359 21.75 -3.08 25.26
CA LEU A 359 22.65 -2.00 24.84
C LEU A 359 22.89 -0.95 25.93
N LEU A 360 21.90 -0.75 26.80
CA LEU A 360 21.97 0.37 27.72
C LEU A 360 23.05 0.09 28.78
N PRO A 361 23.83 1.12 29.13
CA PRO A 361 24.88 0.98 30.15
C PRO A 361 24.30 1.05 31.54
N ASP A 362 25.16 0.87 32.55
CA ASP A 362 24.70 1.04 33.92
C ASP A 362 24.48 2.50 34.27
N THR A 363 25.33 3.38 33.74
CA THR A 363 25.14 4.82 33.91
C THR A 363 25.37 5.54 32.57
N PHE A 364 24.85 6.75 32.45
CA PHE A 364 25.04 7.55 31.24
C PHE A 364 26.11 8.61 31.51
N ASN A 365 27.24 8.47 30.83
CA ASN A 365 28.44 9.24 31.15
C ASN A 365 28.65 10.39 30.17
N ILE A 366 28.28 11.59 30.63
CA ILE A 366 28.46 12.80 29.84
C ILE A 366 29.47 13.72 30.52
N GLU A 367 30.52 14.06 29.78
CA GLU A 367 31.67 14.79 30.31
C GLU A 367 32.17 14.03 31.54
N ASP A 368 32.11 14.67 32.70
CA ASP A 368 32.66 14.07 33.91
C ASP A 368 31.55 13.58 34.84
N GLN A 369 30.31 13.64 34.38
CA GLN A 369 29.17 13.17 35.15
C GLN A 369 28.79 11.74 34.78
N GLU A 370 28.28 11.00 35.77
CA GLU A 370 27.78 9.64 35.55
C GLU A 370 26.34 9.54 36.06
N TYR A 371 25.38 9.64 35.16
CA TYR A 371 23.97 9.73 35.53
C TYR A 371 23.35 8.36 35.68
N SER A 372 22.60 8.17 36.77
CA SER A 372 21.85 6.96 36.95
C SER A 372 20.67 7.02 36.01
N PHE A 373 19.96 5.91 35.85
CA PHE A 373 18.71 5.92 35.11
C PHE A 373 17.70 6.90 35.70
N LYS A 374 17.63 6.93 37.03
CA LYS A 374 16.69 7.82 37.71
C LYS A 374 16.98 9.29 37.42
N GLN A 375 18.27 9.62 37.32
CA GLN A 375 18.72 10.99 37.06
C GLN A 375 18.58 11.34 35.58
N PHE A 376 18.76 10.32 34.74
CA PHE A 376 18.76 10.56 33.28
C PHE A 376 17.34 10.69 32.68
N LEU A 377 16.43 9.84 33.12
CA LEU A 377 15.09 9.82 32.51
C LEU A 377 14.30 11.10 32.72
N TYR A 378 13.63 11.53 31.63
CA TYR A 378 12.79 12.73 31.57
C TYR A 378 13.54 14.00 31.94
N ASN A 379 14.85 13.97 31.77
CA ASN A 379 15.66 15.07 32.26
C ASN A 379 16.35 15.83 31.14
N ASN A 380 15.61 16.69 30.47
CA ASN A 380 16.18 17.49 29.38
C ASN A 380 17.13 18.60 29.87
N SER A 381 17.15 18.83 31.18
CA SER A 381 18.11 19.77 31.77
C SER A 381 19.53 19.34 31.48
N ILE A 382 19.74 18.02 31.46
CA ILE A 382 21.04 17.45 31.23
C ILE A 382 21.52 17.81 29.82
N LEU A 383 20.59 17.78 28.89
CA LEU A 383 20.88 18.13 27.49
C LEU A 383 21.28 19.60 27.40
N LEU A 384 20.51 20.48 28.04
CA LEU A 384 20.77 21.92 27.99
C LEU A 384 22.08 22.27 28.70
N GLU A 385 22.36 21.57 29.79
CA GLU A 385 23.54 21.84 30.60
C GLU A 385 24.83 21.53 29.81
N HIS A 386 24.93 20.33 29.25
CA HIS A 386 26.15 19.95 28.54
C HIS A 386 26.20 20.44 27.09
N GLY A 387 25.03 20.52 26.47
CA GLY A 387 24.90 20.89 25.06
C GLY A 387 25.15 19.73 24.13
N LEU A 388 24.82 19.93 22.83
CA LEU A 388 24.86 18.80 21.92
C LEU A 388 26.27 18.41 21.57
N THR A 389 27.20 19.36 21.52
CA THR A 389 28.56 19.00 21.15
C THR A 389 29.11 17.99 22.17
N GLN A 390 28.89 18.32 23.45
CA GLN A 390 29.38 17.46 24.54
C GLN A 390 28.62 16.13 24.58
N PHE A 391 27.32 16.16 24.30
CA PHE A 391 26.56 14.92 24.17
C PHE A 391 27.18 14.02 23.11
N VAL A 392 27.44 14.57 21.93
CA VAL A 392 28.01 13.75 20.88
C VAL A 392 29.39 13.22 21.24
N GLU A 393 30.27 14.09 21.76
CA GLU A 393 31.61 13.60 22.11
C GLU A 393 31.52 12.46 23.13
N SER A 394 30.65 12.62 24.13
CA SER A 394 30.56 11.65 25.22
C SER A 394 29.91 10.34 24.79
N PHE A 395 28.82 10.43 24.03
CA PHE A 395 28.16 9.21 23.59
C PHE A 395 28.98 8.48 22.55
N THR A 396 29.80 9.22 21.81
CA THR A 396 30.65 8.57 20.81
C THR A 396 31.70 7.71 21.53
N ARG A 397 32.17 8.16 22.69
CA ARG A 397 33.15 7.40 23.47
C ARG A 397 32.59 6.27 24.33
N GLN A 398 31.32 6.34 24.70
CA GLN A 398 30.79 5.39 25.67
C GLN A 398 30.30 4.10 25.01
N ILE A 399 30.86 2.97 25.45
CA ILE A 399 30.53 1.67 24.89
C ILE A 399 29.13 1.20 25.34
N ALA A 400 28.40 0.57 24.40
CA ALA A 400 27.11 -0.01 24.72
C ALA A 400 27.25 -1.47 25.10
N GLY A 401 26.17 -2.06 25.63
CA GLY A 401 26.15 -3.47 25.98
C GLY A 401 25.93 -4.48 24.86
N ARG A 402 26.47 -5.68 25.07
CA ARG A 402 26.23 -6.80 24.17
C ARG A 402 24.77 -7.26 24.26
N VAL A 403 24.14 -7.60 23.13
CA VAL A 403 22.73 -7.98 23.22
C VAL A 403 22.48 -9.51 23.32
N ALA A 404 23.12 -10.30 22.47
CA ALA A 404 23.10 -11.75 22.63
C ALA A 404 24.08 -12.18 23.76
N GLY A 405 24.05 -13.46 24.13
CA GLY A 405 25.03 -14.00 25.07
C GLY A 405 24.56 -14.09 26.51
N GLY A 406 23.38 -13.56 26.80
CA GLY A 406 22.74 -13.75 28.09
C GLY A 406 23.06 -12.71 29.15
N ARG A 407 22.16 -12.60 30.12
CA ARG A 407 22.37 -11.86 31.36
C ARG A 407 23.00 -10.48 31.17
N ASN A 408 22.39 -9.69 30.29
CA ASN A 408 22.85 -8.33 30.13
C ASN A 408 21.71 -7.30 30.03
N VAL A 409 20.49 -7.68 30.42
CA VAL A 409 19.44 -6.66 30.58
C VAL A 409 19.66 -5.84 31.87
N PRO A 410 19.76 -4.50 31.73
CA PRO A 410 19.86 -3.59 32.88
C PRO A 410 18.71 -3.82 33.85
N ILE A 411 19.02 -3.98 35.13
CA ILE A 411 17.99 -4.18 36.12
C ILE A 411 16.99 -3.01 36.17
N ALA A 412 17.46 -1.79 35.89
CA ALA A 412 16.58 -0.63 35.84
C ALA A 412 15.39 -0.81 34.86
N VAL A 413 15.55 -1.67 33.86
CA VAL A 413 14.43 -1.91 32.93
C VAL A 413 13.98 -3.36 32.94
N GLN A 414 14.14 -4.05 34.07
CA GLN A 414 13.69 -5.45 34.15
C GLN A 414 12.18 -5.59 33.78
N ALA A 415 11.38 -4.58 34.10
CA ALA A 415 9.94 -4.68 33.83
C ALA A 415 9.63 -4.66 32.34
N VAL A 416 10.47 -3.96 31.58
CA VAL A 416 10.36 -3.90 30.12
C VAL A 416 10.71 -5.27 29.55
N ALA A 417 11.78 -5.88 30.04
CA ALA A 417 12.15 -7.19 29.54
C ALA A 417 11.06 -8.20 29.89
N LYS A 418 10.49 -8.11 31.09
CA LYS A 418 9.40 -9.03 31.48
C LYS A 418 8.16 -8.82 30.59
N ALA A 419 7.87 -7.56 30.30
CA ALA A 419 6.74 -7.22 29.42
C ALA A 419 6.91 -7.80 28.01
N SER A 420 8.14 -7.81 27.50
CA SER A 420 8.40 -8.39 26.17
C SER A 420 8.04 -9.85 26.16
N ILE A 421 8.34 -10.53 27.27
CA ILE A 421 7.98 -11.94 27.38
C ILE A 421 6.49 -12.10 27.51
N ASP A 422 5.89 -11.34 28.43
CA ASP A 422 4.49 -11.50 28.73
C ASP A 422 3.61 -11.14 27.52
N GLN A 423 4.02 -10.10 26.80
CA GLN A 423 3.23 -9.67 25.64
C GLN A 423 3.38 -10.61 24.44
N SER A 424 4.56 -11.20 24.26
CA SER A 424 4.73 -12.25 23.24
C SER A 424 3.72 -13.37 23.47
N ARG A 425 3.54 -13.77 24.74
CA ARG A 425 2.59 -14.83 25.09
C ARG A 425 1.14 -14.41 24.91
N GLU A 426 0.84 -13.16 25.28
N GLU A 426 0.83 -13.16 25.27
CA GLU A 426 -0.49 -12.58 25.08
CA GLU A 426 -0.50 -12.62 25.08
C GLU A 426 -0.86 -12.64 23.59
C GLU A 426 -0.87 -12.63 23.59
N MET A 427 0.13 -12.37 22.74
CA MET A 427 -0.06 -12.35 21.28
C MET A 427 0.08 -13.73 20.65
N LYS A 428 0.23 -14.75 21.50
CA LYS A 428 0.30 -16.14 21.07
C LYS A 428 1.38 -16.40 20.06
N TYR A 429 2.59 -15.94 20.35
CA TYR A 429 3.72 -16.23 19.48
C TYR A 429 3.99 -17.73 19.42
N GLN A 430 4.33 -18.23 18.23
CA GLN A 430 4.90 -19.57 18.10
C GLN A 430 6.31 -19.60 18.72
N SER A 431 6.84 -20.81 18.89
CA SER A 431 8.15 -21.00 19.52
C SER A 431 9.33 -20.49 18.68
N LEU A 432 10.46 -20.31 19.34
CA LEU A 432 11.73 -19.99 18.69
C LEU A 432 12.05 -20.85 17.49
N ASN A 433 11.92 -22.18 17.65
CA ASN A 433 12.27 -23.06 16.55
C ASN A 433 11.29 -22.95 15.36
N GLU A 434 10.02 -22.70 15.62
CA GLU A 434 9.10 -22.40 14.51
C GLU A 434 9.58 -21.15 13.72
N TYR A 435 9.97 -20.10 14.44
CA TYR A 435 10.52 -18.92 13.79
C TYR A 435 11.86 -19.20 13.08
N ARG A 436 12.70 -20.06 13.66
CA ARG A 436 13.94 -20.39 12.96
C ARG A 436 13.60 -21.07 11.61
N LYS A 437 12.67 -22.01 11.60
CA LYS A 437 12.33 -22.70 10.35
C LYS A 437 11.73 -21.71 9.36
N ARG A 438 10.94 -20.78 9.88
CA ARG A 438 10.28 -19.79 9.03
C ARG A 438 11.33 -18.96 8.24
N PHE A 439 12.50 -18.77 8.84
CA PHE A 439 13.57 -17.99 8.21
C PHE A 439 14.75 -18.85 7.76
N SER A 440 14.42 -20.09 7.40
CA SER A 440 15.34 -21.03 6.76
C SER A 440 16.53 -21.41 7.63
N LEU A 441 16.28 -21.49 8.93
CA LEU A 441 17.31 -21.87 9.89
C LEU A 441 17.02 -23.27 10.41
N LYS A 442 18.06 -24.00 10.83
CA LYS A 442 17.86 -25.31 11.43
C LYS A 442 17.33 -25.14 12.86
N PRO A 443 16.32 -25.93 13.26
CA PRO A 443 15.89 -25.83 14.66
C PRO A 443 17.06 -26.20 15.60
N TYR A 444 17.15 -25.56 16.77
CA TYR A 444 18.08 -26.01 17.80
C TYR A 444 17.62 -27.33 18.39
N THR A 445 18.56 -28.24 18.65
CA THR A 445 18.24 -29.57 19.15
C THR A 445 18.46 -29.69 20.65
N SER A 446 19.03 -28.65 21.26
CA SER A 446 19.16 -28.60 22.71
C SER A 446 19.36 -27.17 23.19
N PHE A 447 19.15 -26.94 24.49
CA PHE A 447 19.42 -25.63 25.06
C PHE A 447 20.92 -25.29 25.01
N GLU A 448 21.79 -26.29 25.19
CA GLU A 448 23.22 -26.01 25.10
C GLU A 448 23.61 -25.59 23.68
N GLU A 449 22.89 -26.08 22.66
CA GLU A 449 23.19 -25.67 21.30
C GLU A 449 22.79 -24.19 21.10
N LEU A 450 21.62 -23.84 21.63
CA LEU A 450 21.17 -22.46 21.63
C LEU A 450 22.17 -21.48 22.28
N THR A 451 22.63 -21.79 23.50
CA THR A 451 23.45 -20.81 24.25
C THR A 451 24.96 -20.93 24.03
N GLY A 452 25.42 -22.08 23.55
CA GLY A 452 26.84 -22.27 23.36
C GLY A 452 27.57 -22.53 24.69
N GLU A 453 26.79 -22.75 25.75
CA GLU A 453 27.37 -23.01 27.08
C GLU A 453 26.49 -23.95 27.91
N LYS A 454 26.83 -24.11 29.20
CA LYS A 454 26.17 -25.08 30.08
C LYS A 454 25.24 -24.51 31.14
N GLU A 455 25.60 -23.36 31.71
CA GLU A 455 24.91 -22.92 32.94
C GLU A 455 23.52 -22.34 32.67
N MET A 456 23.47 -21.40 31.74
CA MET A 456 22.19 -20.83 31.31
C MET A 456 21.35 -21.92 30.65
N ALA A 457 22.00 -22.75 29.83
CA ALA A 457 21.30 -23.84 29.16
C ALA A 457 20.59 -24.75 30.16
N ALA A 458 21.24 -25.08 31.28
CA ALA A 458 20.59 -25.95 32.24
C ALA A 458 19.41 -25.30 32.95
N GLU A 459 19.52 -23.99 33.24
CA GLU A 459 18.42 -23.26 33.85
C GLU A 459 17.18 -23.26 32.91
N LEU A 460 17.45 -23.13 31.63
CA LEU A 460 16.36 -23.05 30.62
C LEU A 460 15.72 -24.43 30.45
N LYS A 461 16.58 -25.46 30.51
CA LYS A 461 16.13 -26.84 30.44
C LYS A 461 15.14 -27.13 31.57
N ALA A 462 15.49 -26.71 32.77
CA ALA A 462 14.62 -26.88 33.92
C ALA A 462 13.33 -26.07 33.76
N LEU A 463 13.43 -24.90 33.14
CA LEU A 463 12.28 -24.00 33.04
C LEU A 463 11.32 -24.42 31.94
N TYR A 464 11.86 -24.85 30.82
CA TYR A 464 11.05 -25.12 29.61
C TYR A 464 10.87 -26.60 29.23
N SER A 465 11.77 -27.46 29.73
CA SER A 465 11.77 -28.92 29.46
C SER A 465 12.13 -29.29 28.03
N ASP A 466 11.47 -28.67 27.05
CA ASP A 466 11.61 -29.01 25.63
C ASP A 466 12.12 -27.81 24.83
N ILE A 467 13.20 -28.01 24.07
CA ILE A 467 13.82 -26.92 23.31
C ILE A 467 12.84 -26.38 22.26
N ASP A 468 11.88 -27.22 21.87
CA ASP A 468 10.92 -26.82 20.85
C ASP A 468 9.83 -25.91 21.39
N VAL A 469 9.84 -25.61 22.68
CA VAL A 469 8.91 -24.60 23.18
C VAL A 469 9.61 -23.42 23.82
N MET A 470 10.92 -23.35 23.59
CA MET A 470 11.72 -22.20 23.98
C MET A 470 11.10 -20.99 23.26
N GLU A 471 10.99 -19.86 23.94
CA GLU A 471 10.40 -18.65 23.35
C GLU A 471 11.40 -17.81 22.57
N LEU A 472 10.88 -17.09 21.59
CA LEU A 472 11.71 -16.29 20.69
C LEU A 472 12.50 -15.18 21.40
N TYR A 473 11.82 -14.34 22.16
CA TYR A 473 12.49 -13.17 22.69
C TYR A 473 13.63 -13.53 23.66
N PRO A 474 13.36 -14.38 24.65
CA PRO A 474 14.50 -14.65 25.55
C PRO A 474 15.59 -15.43 24.85
N ALA A 475 15.26 -16.24 23.85
CA ALA A 475 16.29 -16.93 23.09
C ALA A 475 17.21 -15.95 22.37
N LEU A 476 16.64 -14.89 21.79
CA LEU A 476 17.46 -13.86 21.15
C LEU A 476 18.54 -13.29 22.08
N LEU A 477 18.20 -13.15 23.35
CA LEU A 477 19.09 -12.45 24.28
C LEU A 477 20.06 -13.41 24.98
N VAL A 478 19.83 -14.71 24.87
CA VAL A 478 20.74 -15.69 25.51
C VAL A 478 21.53 -16.45 24.47
N GLU A 479 21.20 -16.23 23.20
CA GLU A 479 21.77 -17.03 22.11
C GLU A 479 23.26 -16.88 22.01
N LYS A 480 23.93 -17.96 21.60
CA LYS A 480 25.36 -17.93 21.37
C LYS A 480 25.67 -16.85 20.34
N PRO A 481 26.43 -15.82 20.75
CA PRO A 481 26.77 -14.79 19.77
C PRO A 481 27.69 -15.34 18.68
N ARG A 482 27.68 -14.73 17.49
CA ARG A 482 28.76 -14.96 16.53
C ARG A 482 30.07 -14.54 17.21
N PRO A 483 31.23 -15.00 16.69
CA PRO A 483 32.50 -14.75 17.40
C PRO A 483 32.77 -13.26 17.57
N ASP A 484 32.89 -12.78 18.81
CA ASP A 484 33.12 -11.37 19.06
C ASP A 484 32.02 -10.48 18.45
N ALA A 485 30.81 -11.00 18.34
CA ALA A 485 29.71 -10.27 17.72
C ALA A 485 28.65 -9.83 18.74
N ILE A 486 27.81 -8.86 18.38
CA ILE A 486 26.80 -8.38 19.31
C ILE A 486 25.58 -9.31 19.32
N PHE A 487 25.39 -10.04 18.22
CA PHE A 487 24.22 -10.89 18.01
C PHE A 487 24.53 -12.33 17.66
N GLY A 488 23.57 -13.22 17.93
CA GLY A 488 23.60 -14.57 17.41
C GLY A 488 22.84 -14.70 16.09
N GLU A 489 22.85 -15.92 15.57
CA GLU A 489 22.31 -16.21 14.25
C GLU A 489 20.84 -15.82 14.06
N THR A 490 20.02 -16.11 15.07
CA THR A 490 18.58 -15.87 14.91
C THR A 490 18.28 -14.37 14.77
N MET A 491 18.93 -13.52 15.57
CA MET A 491 18.70 -12.08 15.46
C MET A 491 18.93 -11.55 14.06
N VAL A 492 20.05 -11.95 13.46
CA VAL A 492 20.45 -11.41 12.19
C VAL A 492 19.56 -11.98 11.08
N GLU A 493 19.28 -13.29 11.14
CA GLU A 493 18.52 -13.92 10.04
C GLU A 493 17.02 -13.57 10.05
N LEU A 494 16.50 -13.15 11.21
CA LEU A 494 15.13 -12.58 11.26
C LEU A 494 15.17 -11.09 10.95
N GLY A 495 16.07 -10.39 11.64
CA GLY A 495 16.16 -8.94 11.57
C GLY A 495 16.54 -8.39 10.21
N ALA A 496 17.43 -9.06 9.49
CA ALA A 496 17.92 -8.50 8.23
C ALA A 496 16.80 -8.44 7.16
N PRO A 497 16.03 -9.53 6.96
CA PRO A 497 14.88 -9.41 6.04
C PRO A 497 13.93 -8.30 6.41
N PHE A 498 13.52 -8.20 7.68
CA PHE A 498 12.54 -7.17 8.02
C PHE A 498 13.14 -5.79 7.76
N SER A 499 14.43 -5.64 8.10
CA SER A 499 15.10 -4.34 7.98
C SER A 499 15.22 -3.92 6.52
N LEU A 500 15.80 -4.78 5.68
CA LEU A 500 16.11 -4.36 4.31
C LEU A 500 14.83 -4.18 3.49
N LYS A 501 13.85 -5.02 3.75
CA LYS A 501 12.58 -4.91 3.05
C LYS A 501 11.92 -3.58 3.41
N GLY A 502 11.94 -3.23 4.68
CA GLY A 502 11.38 -1.99 5.16
C GLY A 502 12.07 -0.75 4.61
N LEU A 503 13.38 -0.80 4.47
CA LEU A 503 14.12 0.33 3.91
C LEU A 503 13.88 0.49 2.40
N MET A 504 14.08 -0.58 1.63
CA MET A 504 13.93 -0.44 0.18
C MET A 504 12.46 -0.36 -0.28
N GLY A 505 11.54 -0.81 0.56
CA GLY A 505 10.11 -0.81 0.25
C GLY A 505 9.49 0.60 0.18
N ASN A 506 10.23 1.58 0.63
CA ASN A 506 9.73 2.95 0.72
C ASN A 506 9.41 3.51 -0.69
N PRO A 507 8.28 4.24 -0.86
CA PRO A 507 8.08 4.74 -2.24
C PRO A 507 9.21 5.61 -2.78
N ILE A 508 10.04 6.25 -1.95
CA ILE A 508 11.06 7.11 -2.57
C ILE A 508 12.07 6.26 -3.31
N CYS A 509 12.12 4.97 -3.02
CA CYS A 509 13.03 4.05 -3.72
C CYS A 509 12.45 3.52 -5.02
N SER A 510 11.19 3.81 -5.30
CA SER A 510 10.57 3.29 -6.54
C SER A 510 11.07 4.11 -7.73
N PRO A 511 11.04 3.52 -8.93
CA PRO A 511 11.55 4.26 -10.09
C PRO A 511 10.88 5.59 -10.38
N GLN A 512 9.57 5.74 -10.13
CA GLN A 512 9.00 7.04 -10.49
C GLN A 512 9.36 8.11 -9.46
N TYR A 513 9.84 7.72 -8.28
CA TYR A 513 10.30 8.68 -7.28
C TYR A 513 11.80 8.93 -7.33
N TRP A 514 12.56 7.90 -7.68
CA TRP A 514 14.03 8.00 -7.52
C TRP A 514 14.65 8.75 -8.72
N LYS A 515 14.44 10.07 -8.73
CA LYS A 515 14.80 10.99 -9.80
C LYS A 515 15.18 12.31 -9.15
N PRO A 516 16.12 13.05 -9.75
CA PRO A 516 16.52 14.33 -9.16
C PRO A 516 15.35 15.30 -8.92
N SER A 517 14.37 15.35 -9.82
N SER A 517 14.38 15.32 -9.83
CA SER A 517 13.28 16.35 -9.69
CA SER A 517 13.27 16.26 -9.75
C SER A 517 12.40 16.11 -8.45
C SER A 517 12.44 16.10 -8.47
N THR A 518 12.29 14.87 -8.00
CA THR A 518 11.58 14.57 -6.73
C THR A 518 12.14 15.39 -5.55
N PHE A 519 13.43 15.64 -5.60
CA PHE A 519 14.18 16.19 -4.44
C PHE A 519 14.62 17.63 -4.71
N GLY A 520 13.97 18.25 -5.69
CA GLY A 520 14.21 19.64 -6.04
C GLY A 520 15.40 19.84 -6.95
N GLY A 521 15.85 18.76 -7.60
CA GLY A 521 16.97 18.85 -8.53
C GLY A 521 18.26 18.19 -8.02
N GLU A 522 19.35 18.35 -8.77
CA GLU A 522 20.54 17.57 -8.45
C GLU A 522 21.13 17.92 -7.08
N VAL A 523 20.91 19.15 -6.62
CA VAL A 523 21.50 19.54 -5.33
C VAL A 523 20.78 18.79 -4.21
N GLY A 524 19.44 18.74 -4.27
CA GLY A 524 18.66 18.01 -3.29
C GLY A 524 18.98 16.52 -3.30
N PHE A 525 19.08 15.99 -4.52
CA PHE A 525 19.40 14.58 -4.71
C PHE A 525 20.77 14.22 -4.09
N LYS A 526 21.75 15.10 -4.27
CA LYS A 526 23.09 14.83 -3.78
C LYS A 526 23.13 14.83 -2.25
N ILE A 527 22.25 15.59 -1.62
CA ILE A 527 22.18 15.58 -0.14
C ILE A 527 21.86 14.14 0.33
N ILE A 528 20.89 13.49 -0.32
CA ILE A 528 20.61 12.10 0.03
C ILE A 528 21.82 11.17 -0.20
N ASN A 529 22.41 11.29 -1.38
CA ASN A 529 23.37 10.30 -1.80
C ASN A 529 24.74 10.51 -1.19
N THR A 530 24.94 11.62 -0.45
CA THR A 530 26.19 11.78 0.32
C THR A 530 26.00 11.81 1.84
N ALA A 531 24.79 11.56 2.30
CA ALA A 531 24.49 11.62 3.73
C ALA A 531 25.23 10.54 4.53
N SER A 532 25.59 10.91 5.75
CA SER A 532 26.25 9.97 6.66
C SER A 532 25.99 10.42 8.09
N ILE A 533 26.22 9.54 9.05
CA ILE A 533 25.99 9.94 10.43
C ILE A 533 26.98 11.07 10.81
N GLN A 534 28.18 11.02 10.22
CA GLN A 534 29.14 12.10 10.50
C GLN A 534 28.70 13.42 9.88
N SER A 535 28.14 13.40 8.66
CA SER A 535 27.77 14.67 8.08
C SER A 535 26.55 15.26 8.82
N LEU A 536 25.64 14.39 9.27
CA LEU A 536 24.48 14.84 10.02
C LEU A 536 24.91 15.57 11.28
N ILE A 537 25.91 15.03 11.95
CA ILE A 537 26.44 15.66 13.15
C ILE A 537 27.25 16.89 12.75
N CYS A 538 28.11 16.73 11.73
CA CYS A 538 29.01 17.83 11.36
C CYS A 538 28.23 19.08 10.95
N ASN A 539 27.16 18.90 10.19
CA ASN A 539 26.37 20.04 9.72
C ASN A 539 25.49 20.69 10.76
N ASN A 540 25.16 19.97 11.83
CA ASN A 540 24.12 20.47 12.73
C ASN A 540 24.52 20.62 14.20
N VAL A 541 25.76 20.29 14.52
CA VAL A 541 26.23 20.35 15.93
C VAL A 541 27.46 21.28 16.00
N LYS A 542 27.38 22.32 16.83
CA LYS A 542 28.50 23.29 16.96
C LYS A 542 29.87 22.60 17.05
N GLY A 543 30.82 23.05 16.24
CA GLY A 543 32.17 22.53 16.30
C GLY A 543 32.44 21.32 15.42
N CYS A 544 31.40 20.75 14.82
CA CYS A 544 31.53 19.50 14.05
C CYS A 544 32.37 18.43 14.76
N PRO A 545 31.88 17.93 15.91
CA PRO A 545 32.62 16.87 16.59
C PRO A 545 32.65 15.62 15.71
N PHE A 546 33.74 14.87 15.80
CA PHE A 546 33.81 13.62 15.08
C PHE A 546 32.86 12.59 15.69
N THR A 547 32.25 11.75 14.86
CA THR A 547 31.39 10.70 15.41
C THR A 547 31.34 9.47 14.51
N SER A 548 30.77 8.41 15.06
CA SER A 548 30.54 7.17 14.35
C SER A 548 29.70 6.31 15.27
N PHE A 549 29.40 5.09 14.84
CA PHE A 549 28.62 4.21 15.69
C PHE A 549 29.49 3.27 16.51
N ASN A 550 30.81 3.38 16.37
CA ASN A 550 31.70 2.56 17.21
C ASN A 550 32.63 3.44 18.07
N VAL A 551 33.09 2.90 19.20
CA VAL A 551 33.94 3.64 20.14
C VAL A 551 35.38 3.75 19.61
N HIS B 1 4.24 34.00 -13.61
CA HIS B 1 3.51 32.74 -13.44
C HIS B 1 4.45 31.53 -13.48
N HIS B 2 3.94 30.37 -13.07
CA HIS B 2 4.77 29.16 -12.99
C HIS B 2 5.40 28.84 -14.36
N PRO B 3 6.72 28.63 -14.39
CA PRO B 3 7.46 28.36 -15.62
C PRO B 3 7.02 27.06 -16.33
N CYS B 4 6.36 26.17 -15.60
CA CYS B 4 5.91 24.90 -16.17
C CYS B 4 4.49 24.97 -16.72
N CYS B 5 3.86 26.15 -16.65
CA CYS B 5 2.48 26.31 -17.10
C CYS B 5 2.23 25.83 -18.53
N SER B 6 3.24 25.91 -19.40
CA SER B 6 3.00 25.52 -20.79
C SER B 6 3.12 24.01 -20.99
N ASN B 7 3.37 23.28 -19.91
CA ASN B 7 3.61 21.84 -19.96
C ASN B 7 4.74 21.48 -20.93
N PRO B 8 5.94 22.08 -20.73
CA PRO B 8 6.99 21.93 -21.76
C PRO B 8 7.59 20.57 -21.90
N CYS B 9 7.69 19.80 -20.81
CA CYS B 9 8.38 18.53 -20.86
C CYS B 9 7.49 17.46 -21.45
N GLN B 10 8.04 16.73 -22.44
CA GLN B 10 7.30 15.68 -23.14
C GLN B 10 7.70 14.29 -22.69
N ASN B 11 6.96 13.30 -23.20
CA ASN B 11 7.32 11.91 -23.08
C ASN B 11 7.49 11.45 -21.62
N ARG B 12 6.63 11.98 -20.75
N ARG B 12 6.66 12.02 -20.75
CA ARG B 12 6.57 11.68 -19.30
CA ARG B 12 6.59 11.70 -19.31
C ARG B 12 7.77 12.27 -18.54
C ARG B 12 7.79 12.26 -18.54
N GLY B 13 8.53 13.16 -19.17
CA GLY B 13 9.54 13.92 -18.43
C GLY B 13 8.82 14.82 -17.44
N GLU B 14 9.48 15.18 -16.35
CA GLU B 14 8.86 15.97 -15.28
C GLU B 14 9.40 17.39 -15.23
N CYS B 15 8.51 18.35 -15.07
CA CYS B 15 8.89 19.75 -15.10
C CYS B 15 9.05 20.34 -13.71
N MET B 16 10.14 21.09 -13.52
CA MET B 16 10.48 21.69 -12.24
C MET B 16 10.86 23.15 -12.52
N SER B 17 10.35 24.09 -11.75
CA SER B 17 10.84 25.46 -11.87
C SER B 17 12.29 25.50 -11.36
N THR B 18 13.11 26.35 -11.99
CA THR B 18 14.48 26.52 -11.49
C THR B 18 14.81 27.99 -11.24
N GLY B 19 13.76 28.79 -11.15
CA GLY B 19 13.89 30.20 -10.88
C GLY B 19 12.51 30.71 -11.21
N PHE B 20 12.32 32.02 -11.15
CA PHE B 20 10.99 32.57 -11.40
C PHE B 20 10.52 32.40 -12.85
N ASP B 21 11.45 32.28 -13.78
CA ASP B 21 11.08 32.30 -15.21
C ASP B 21 11.75 31.18 -16.00
N GLN B 22 12.26 30.19 -15.30
CA GLN B 22 13.05 29.12 -15.90
C GLN B 22 12.57 27.77 -15.37
N TYR B 23 12.65 26.76 -16.21
CA TYR B 23 12.24 25.41 -15.83
C TYR B 23 13.32 24.44 -16.24
N LYS B 24 13.25 23.24 -15.71
CA LYS B 24 14.11 22.17 -16.14
C LYS B 24 13.25 20.91 -16.25
N CYS B 25 13.48 20.15 -17.30
CA CYS B 25 12.83 18.84 -17.50
C CYS B 25 13.72 17.70 -17.04
N ASP B 26 13.16 16.84 -16.19
CA ASP B 26 13.83 15.63 -15.78
C ASP B 26 13.39 14.50 -16.70
N CYS B 27 14.29 14.08 -17.59
CA CYS B 27 14.02 13.04 -18.59
C CYS B 27 14.37 11.62 -18.14
N THR B 28 14.69 11.46 -16.86
CA THR B 28 15.12 10.15 -16.34
C THR B 28 14.17 9.04 -16.78
N ARG B 29 14.74 8.03 -17.44
CA ARG B 29 14.03 6.82 -17.86
C ARG B 29 12.84 7.06 -18.79
N THR B 30 12.83 8.20 -19.47
CA THR B 30 11.79 8.43 -20.49
C THR B 30 12.16 7.83 -21.85
N GLY B 31 13.44 7.52 -22.04
CA GLY B 31 13.91 7.09 -23.36
C GLY B 31 14.24 8.27 -24.26
N PHE B 32 14.14 9.47 -23.71
CA PHE B 32 14.39 10.72 -24.45
C PHE B 32 15.34 11.59 -23.66
N TYR B 33 15.96 12.55 -24.32
CA TYR B 33 16.72 13.58 -23.61
C TYR B 33 16.55 14.92 -24.33
N GLY B 34 17.40 15.89 -24.01
CA GLY B 34 17.24 17.24 -24.53
C GLY B 34 16.44 18.13 -23.60
N GLU B 35 16.37 19.44 -23.87
CA GLU B 35 15.74 20.38 -22.95
C GLU B 35 14.29 20.00 -22.57
N ASN B 36 13.55 19.42 -23.50
CA ASN B 36 12.14 19.08 -23.29
C ASN B 36 11.84 17.61 -23.33
N CYS B 37 12.88 16.78 -23.28
CA CYS B 37 12.77 15.34 -23.44
C CYS B 37 12.10 14.99 -24.78
N THR B 38 12.56 15.61 -25.87
CA THR B 38 12.01 15.32 -27.20
C THR B 38 13.03 14.64 -28.14
N THR B 39 14.29 14.55 -27.74
CA THR B 39 15.29 13.84 -28.53
C THR B 39 15.37 12.36 -28.17
N PRO B 40 14.96 11.48 -29.08
CA PRO B 40 14.94 10.05 -28.72
C PRO B 40 16.31 9.40 -28.69
N GLU B 41 16.52 8.52 -27.71
CA GLU B 41 17.66 7.65 -27.72
C GLU B 41 17.54 6.74 -28.93
N PHE B 42 18.64 6.10 -29.31
CA PHE B 42 18.67 5.24 -30.48
C PHE B 42 17.58 4.17 -30.43
N LEU B 43 17.62 3.37 -29.37
CA LEU B 43 16.64 2.31 -29.15
C LEU B 43 15.21 2.85 -29.20
N THR B 44 15.03 4.02 -28.63
CA THR B 44 13.73 4.67 -28.64
C THR B 44 13.30 4.96 -30.08
N ARG B 45 14.21 5.49 -30.89
CA ARG B 45 13.93 5.69 -32.32
C ARG B 45 13.43 4.41 -32.97
N ILE B 46 14.14 3.30 -32.72
CA ILE B 46 13.77 2.02 -33.31
C ILE B 46 12.40 1.56 -32.81
N LYS B 47 12.17 1.69 -31.51
CA LYS B 47 10.90 1.32 -30.89
C LYS B 47 9.74 2.08 -31.51
N LEU B 48 9.93 3.38 -31.70
CA LEU B 48 8.85 4.20 -32.25
C LEU B 48 8.54 3.82 -33.69
N LEU B 49 9.55 3.35 -34.41
CA LEU B 49 9.36 2.98 -35.82
C LEU B 49 8.44 1.79 -35.95
N LEU B 50 8.58 0.85 -35.04
CA LEU B 50 7.90 -0.43 -35.15
C LEU B 50 6.58 -0.49 -34.41
N LYS B 51 6.32 0.51 -33.56
CA LYS B 51 5.11 0.47 -32.74
C LYS B 51 3.87 0.75 -33.57
N PRO B 52 2.91 -0.19 -33.57
CA PRO B 52 1.62 0.06 -34.21
C PRO B 52 0.82 1.07 -33.41
N THR B 53 -0.01 1.87 -34.07
CA THR B 53 -0.97 2.75 -33.40
C THR B 53 -2.05 1.96 -32.65
N PRO B 54 -2.64 2.57 -31.61
CA PRO B 54 -3.78 1.91 -30.96
C PRO B 54 -4.89 1.51 -31.96
N ASN B 55 -5.20 2.37 -32.93
CA ASN B 55 -6.26 2.04 -33.89
C ASN B 55 -5.90 0.84 -34.75
N THR B 56 -4.61 0.69 -35.07
CA THR B 56 -4.16 -0.51 -35.79
C THR B 56 -4.30 -1.78 -34.96
N VAL B 57 -3.85 -1.74 -33.71
CA VAL B 57 -3.96 -2.89 -32.82
C VAL B 57 -5.45 -3.22 -32.61
N HIS B 58 -6.27 -2.20 -32.43
CA HIS B 58 -7.70 -2.40 -32.21
C HIS B 58 -8.30 -3.12 -33.43
N TYR B 59 -7.84 -2.73 -34.61
CA TYR B 59 -8.30 -3.35 -35.83
C TYR B 59 -8.00 -4.85 -35.84
N ILE B 60 -6.73 -5.17 -35.59
CA ILE B 60 -6.26 -6.54 -35.56
C ILE B 60 -7.07 -7.37 -34.54
N LEU B 61 -7.33 -6.79 -33.38
CA LEU B 61 -8.07 -7.51 -32.34
C LEU B 61 -9.55 -7.71 -32.62
N THR B 62 -10.09 -6.95 -33.58
CA THR B 62 -11.52 -6.99 -33.87
C THR B 62 -11.80 -7.55 -35.28
N HIS B 63 -10.75 -8.06 -35.92
CA HIS B 63 -10.86 -8.76 -37.19
C HIS B 63 -10.18 -10.12 -37.11
N PHE B 64 -10.22 -10.89 -38.19
CA PHE B 64 -9.54 -12.19 -38.26
C PHE B 64 -10.05 -13.18 -37.20
N LYS B 65 -11.36 -13.26 -37.04
CA LYS B 65 -11.95 -14.08 -35.99
C LYS B 65 -11.46 -15.52 -36.04
N GLY B 66 -11.21 -15.98 -37.26
CA GLY B 66 -10.74 -17.32 -37.48
C GLY B 66 -9.36 -17.58 -36.93
N VAL B 67 -8.44 -16.62 -37.07
CA VAL B 67 -7.14 -16.76 -36.44
C VAL B 67 -7.28 -16.75 -34.90
N TRP B 68 -8.09 -15.83 -34.38
CA TRP B 68 -8.22 -15.67 -32.93
C TRP B 68 -8.87 -16.91 -32.34
N ASN B 69 -9.75 -17.53 -33.11
CA ASN B 69 -10.37 -18.78 -32.69
C ASN B 69 -9.31 -19.85 -32.44
N ILE B 70 -8.31 -19.92 -33.30
CA ILE B 70 -7.18 -20.83 -33.06
C ILE B 70 -6.34 -20.37 -31.87
N VAL B 71 -6.01 -19.08 -31.81
CA VAL B 71 -5.21 -18.55 -30.71
C VAL B 71 -5.86 -18.84 -29.35
N ASN B 72 -7.17 -18.65 -29.27
CA ASN B 72 -7.88 -18.84 -28.01
C ASN B 72 -7.80 -20.28 -27.51
N ASN B 73 -7.57 -21.20 -28.43
CA ASN B 73 -7.53 -22.60 -28.08
C ASN B 73 -6.12 -23.15 -27.92
N ILE B 74 -5.13 -22.27 -27.97
CA ILE B 74 -3.76 -22.65 -27.64
C ILE B 74 -3.33 -21.98 -26.32
N PRO B 75 -3.42 -22.71 -25.20
CA PRO B 75 -3.25 -22.12 -23.87
C PRO B 75 -1.99 -21.28 -23.75
N PHE B 76 -0.86 -21.78 -24.25
CA PHE B 76 0.40 -21.06 -24.14
C PHE B 76 0.35 -19.71 -24.84
N LEU B 77 -0.28 -19.70 -26.00
CA LEU B 77 -0.41 -18.48 -26.81
C LEU B 77 -1.40 -17.49 -26.19
N ARG B 78 -2.53 -18.01 -25.71
CA ARG B 78 -3.51 -17.15 -25.06
C ARG B 78 -2.88 -16.50 -23.81
N SER B 79 -2.13 -17.28 -23.04
CA SER B 79 -1.44 -16.75 -21.85
C SER B 79 -0.42 -15.67 -22.18
N LEU B 80 0.35 -15.91 -23.24
CA LEU B 80 1.36 -14.97 -23.71
C LEU B 80 0.73 -13.60 -24.05
N ILE B 81 -0.37 -13.66 -24.78
CA ILE B 81 -1.01 -12.44 -25.23
C ILE B 81 -1.68 -11.72 -24.07
N MET B 82 -2.35 -12.46 -23.18
CA MET B 82 -3.00 -11.81 -22.04
C MET B 82 -1.92 -11.23 -21.10
N LYS B 83 -0.79 -11.91 -20.97
CA LYS B 83 0.31 -11.39 -20.15
C LYS B 83 0.76 -10.04 -20.70
N TYR B 84 0.90 -9.97 -22.01
CA TYR B 84 1.32 -8.72 -22.64
C TYR B 84 0.26 -7.62 -22.49
N VAL B 85 -1.01 -7.97 -22.61
CA VAL B 85 -2.06 -6.97 -22.40
C VAL B 85 -1.95 -6.37 -20.98
N LEU B 86 -1.78 -7.24 -19.98
CA LEU B 86 -1.73 -6.79 -18.59
C LEU B 86 -0.52 -5.90 -18.32
N THR B 87 0.65 -6.31 -18.83
CA THR B 87 1.91 -5.63 -18.49
C THR B 87 2.03 -4.31 -19.24
N SER B 88 1.69 -4.33 -20.54
CA SER B 88 1.78 -3.14 -21.36
C SER B 88 0.78 -2.08 -20.88
N ARG B 89 -0.44 -2.47 -20.53
CA ARG B 89 -1.40 -1.53 -19.98
C ARG B 89 -0.94 -0.96 -18.64
N SER B 90 -0.48 -1.84 -17.75
CA SER B 90 -0.21 -1.42 -16.37
C SER B 90 0.99 -0.49 -16.27
N TYR B 91 1.91 -0.62 -17.22
CA TYR B 91 3.08 0.26 -17.32
C TYR B 91 2.74 1.75 -17.41
N LEU B 92 1.53 2.07 -17.89
CA LEU B 92 1.14 3.47 -18.09
C LEU B 92 0.75 4.16 -16.79
N ILE B 93 0.64 3.39 -15.71
CA ILE B 93 0.16 3.90 -14.43
C ILE B 93 1.32 4.03 -13.45
N ASP B 94 1.49 5.21 -12.85
CA ASP B 94 2.48 5.40 -11.78
C ASP B 94 2.10 4.61 -10.54
N SER B 95 3.00 3.75 -10.04
CA SER B 95 2.72 2.90 -8.87
C SER B 95 4.03 2.56 -8.18
N PRO B 96 4.23 3.05 -6.94
CA PRO B 96 3.38 3.89 -6.08
C PRO B 96 2.96 5.21 -6.72
N PRO B 97 1.83 5.74 -6.28
CA PRO B 97 1.22 6.90 -6.95
C PRO B 97 1.95 8.19 -6.60
N THR B 98 1.66 9.22 -7.39
CA THR B 98 2.40 10.47 -7.34
C THR B 98 1.49 11.67 -7.02
N TYR B 99 1.00 12.35 -8.05
CA TYR B 99 0.29 13.63 -7.89
C TYR B 99 -1.13 13.54 -7.33
N ASN B 100 -1.65 14.67 -6.84
CA ASN B 100 -3.12 14.76 -6.63
C ASN B 100 -3.59 16.20 -6.81
N VAL B 101 -4.84 16.51 -6.47
CA VAL B 101 -5.37 17.85 -6.77
C VAL B 101 -4.56 18.97 -6.06
N HIS B 102 -3.95 18.67 -4.92
CA HIS B 102 -3.22 19.70 -4.19
C HIS B 102 -1.71 19.66 -4.44
N TYR B 103 -1.21 18.63 -5.13
CA TYR B 103 0.25 18.47 -5.30
C TYR B 103 0.63 18.14 -6.75
N GLY B 104 1.19 19.15 -7.43
CA GLY B 104 1.77 18.95 -8.76
C GLY B 104 3.22 18.55 -8.73
N TYR B 105 3.74 18.20 -7.54
CA TYR B 105 5.08 17.66 -7.34
C TYR B 105 4.89 16.51 -6.37
N LYS B 106 5.77 15.53 -6.41
CA LYS B 106 5.68 14.41 -5.46
C LYS B 106 5.90 14.91 -4.03
N SER B 107 5.12 14.35 -3.10
CA SER B 107 5.24 14.72 -1.69
C SER B 107 4.79 13.57 -0.82
N TRP B 108 5.30 13.55 0.41
CA TRP B 108 4.85 12.51 1.33
C TRP B 108 3.37 12.69 1.64
N GLU B 109 2.88 13.93 1.66
CA GLU B 109 1.45 14.13 1.87
C GLU B 109 0.64 13.48 0.75
N ALA B 110 1.07 13.65 -0.51
CA ALA B 110 0.32 13.05 -1.63
C ALA B 110 0.43 11.52 -1.59
N PHE B 111 1.62 11.02 -1.28
CA PHE B 111 1.77 9.58 -1.18
C PHE B 111 0.89 8.97 -0.09
N SER B 112 0.88 9.60 1.09
CA SER B 112 0.37 8.89 2.27
C SER B 112 -1.09 9.15 2.55
N ASN B 113 -1.64 10.24 2.05
CA ASN B 113 -3.01 10.57 2.42
C ASN B 113 -4.01 9.89 1.47
N LEU B 114 -4.65 8.84 1.97
CA LEU B 114 -5.55 8.02 1.15
C LEU B 114 -6.91 8.67 0.86
N SER B 115 -7.19 9.82 1.47
CA SER B 115 -8.46 10.50 1.23
C SER B 115 -8.41 11.23 -0.11
N TYR B 116 -7.23 11.42 -0.68
CA TYR B 116 -7.17 11.95 -2.07
C TYR B 116 -7.39 10.89 -3.17
N TYR B 117 -8.12 11.22 -4.23
CA TYR B 117 -7.88 10.52 -5.50
C TYR B 117 -6.47 10.88 -5.97
N THR B 118 -5.78 9.98 -6.67
CA THR B 118 -4.50 10.36 -7.23
C THR B 118 -4.74 11.03 -8.61
N ARG B 119 -3.67 11.50 -9.24
CA ARG B 119 -3.78 12.21 -10.55
C ARG B 119 -2.75 11.64 -11.54
N ALA B 120 -3.23 11.20 -12.70
CA ALA B 120 -2.38 10.73 -13.78
C ALA B 120 -1.55 11.87 -14.37
N LEU B 121 -2.13 13.06 -14.43
CA LEU B 121 -1.38 14.30 -14.71
C LEU B 121 -1.59 15.28 -13.58
N PRO B 122 -0.52 16.02 -13.23
CA PRO B 122 -0.61 17.04 -12.19
C PRO B 122 -1.57 18.16 -12.59
N PRO B 123 -2.11 18.85 -11.58
CA PRO B 123 -2.98 19.97 -11.90
C PRO B 123 -2.25 21.14 -12.56
N VAL B 124 -2.98 21.89 -13.37
CA VAL B 124 -2.48 23.15 -13.89
C VAL B 124 -2.27 24.08 -12.70
N ALA B 125 -1.11 24.72 -12.62
CA ALA B 125 -0.79 25.52 -11.44
C ALA B 125 -1.75 26.70 -11.25
N ASP B 126 -1.84 27.20 -10.01
CA ASP B 126 -2.91 28.13 -9.68
C ASP B 126 -2.75 29.48 -10.38
N ASP B 127 -1.51 29.84 -10.68
CA ASP B 127 -1.29 31.18 -11.21
C ASP B 127 -1.08 31.21 -12.74
N CYS B 128 -1.34 30.09 -13.42
CA CYS B 128 -1.19 30.07 -14.88
C CYS B 128 -2.11 31.07 -15.54
N PRO B 129 -1.66 31.66 -16.66
CA PRO B 129 -2.44 32.72 -17.31
C PRO B 129 -3.77 32.28 -17.93
N THR B 130 -3.89 31.02 -18.32
CA THR B 130 -5.14 30.51 -18.85
C THR B 130 -5.51 29.22 -18.14
N PRO B 131 -6.79 28.78 -18.24
CA PRO B 131 -7.20 27.54 -17.55
C PRO B 131 -6.35 26.32 -17.89
N MET B 132 -5.97 26.16 -19.16
CA MET B 132 -5.16 25.00 -19.56
C MET B 132 -3.65 25.21 -19.49
N GLY B 133 -3.22 26.39 -19.04
CA GLY B 133 -1.80 26.64 -18.88
C GLY B 133 -1.43 27.99 -19.46
N VAL B 134 -1.12 28.01 -20.76
CA VAL B 134 -0.85 29.28 -21.45
C VAL B 134 -1.66 29.44 -22.74
N LYS B 135 -2.20 28.33 -23.26
CA LYS B 135 -2.97 28.37 -24.51
C LYS B 135 -4.44 28.74 -24.31
N GLY B 136 -5.10 29.16 -25.37
CA GLY B 136 -6.54 29.36 -25.29
C GLY B 136 -6.95 30.71 -24.72
N ASN B 137 -8.25 30.87 -24.51
CA ASN B 137 -8.76 32.13 -23.96
C ASN B 137 -8.67 32.18 -22.45
N LYS B 138 -8.84 33.38 -21.88
CA LYS B 138 -8.73 33.59 -20.43
C LYS B 138 -9.73 32.75 -19.64
N GLU B 139 -10.88 32.49 -20.26
CA GLU B 139 -11.88 31.61 -19.68
C GLU B 139 -12.27 30.50 -20.65
N LEU B 140 -12.47 29.31 -20.13
CA LEU B 140 -13.08 28.25 -20.92
C LEU B 140 -14.54 28.64 -21.27
N PRO B 141 -15.11 28.04 -22.34
CA PRO B 141 -16.52 28.28 -22.67
C PRO B 141 -17.46 27.91 -21.51
N ASP B 142 -18.63 28.55 -21.47
CA ASP B 142 -19.66 28.25 -20.47
C ASP B 142 -19.96 26.76 -20.50
N SER B 143 -19.92 26.08 -19.35
CA SER B 143 -20.10 24.63 -19.33
C SER B 143 -21.53 24.24 -19.76
N LYS B 144 -22.53 25.07 -19.45
CA LYS B 144 -23.89 24.78 -19.94
C LYS B 144 -24.00 24.82 -21.47
N GLU B 145 -23.29 25.75 -22.09
CA GLU B 145 -23.28 25.81 -23.55
C GLU B 145 -22.60 24.57 -24.17
N VAL B 146 -21.49 24.13 -23.58
CA VAL B 146 -20.86 22.91 -24.07
C VAL B 146 -21.85 21.73 -23.90
N LEU B 147 -22.42 21.64 -22.69
CA LEU B 147 -23.42 20.61 -22.35
C LEU B 147 -24.53 20.57 -23.40
N GLU B 148 -25.14 21.72 -23.59
CA GLU B 148 -26.32 21.77 -24.47
C GLU B 148 -26.00 21.58 -25.94
N LYS B 149 -24.89 22.14 -26.41
CA LYS B 149 -24.59 22.02 -27.83
C LYS B 149 -24.09 20.65 -28.27
N VAL B 150 -23.32 19.94 -27.44
CA VAL B 150 -22.72 18.73 -27.95
C VAL B 150 -22.88 17.48 -27.05
N LEU B 151 -23.40 17.63 -25.83
CA LEU B 151 -23.56 16.44 -24.97
C LEU B 151 -24.98 15.93 -24.84
N LEU B 152 -25.98 16.83 -24.73
CA LEU B 152 -27.35 16.41 -24.46
C LEU B 152 -28.00 15.65 -25.61
N ARG B 153 -28.78 14.67 -25.21
CA ARG B 153 -29.44 13.75 -26.11
C ARG B 153 -30.56 14.46 -26.84
N ARG B 154 -30.54 14.33 -28.14
CA ARG B 154 -31.71 14.73 -28.94
C ARG B 154 -32.57 13.47 -29.03
N GLU B 155 -32.27 12.62 -29.99
CA GLU B 155 -32.84 11.28 -30.06
C GLU B 155 -31.90 10.27 -29.41
N PHE B 156 -32.46 9.31 -28.69
CA PHE B 156 -31.67 8.20 -28.14
C PHE B 156 -30.80 7.52 -29.19
N ILE B 157 -29.51 7.41 -28.92
CA ILE B 157 -28.62 6.69 -29.81
C ILE B 157 -28.23 5.36 -29.16
N PRO B 158 -28.66 4.22 -29.75
CA PRO B 158 -28.31 2.93 -29.10
C PRO B 158 -26.84 2.57 -29.25
N ASP B 159 -26.31 1.83 -28.27
CA ASP B 159 -24.97 1.27 -28.38
C ASP B 159 -24.91 0.26 -29.52
N PRO B 160 -24.06 0.51 -30.50
CA PRO B 160 -23.94 -0.43 -31.62
C PRO B 160 -23.24 -1.70 -31.19
N GLN B 161 -22.61 -1.70 -30.01
CA GLN B 161 -21.98 -2.89 -29.53
C GLN B 161 -22.99 -3.76 -28.77
N GLY B 162 -24.21 -3.26 -28.64
CA GLY B 162 -25.26 -4.06 -28.04
C GLY B 162 -25.29 -4.13 -26.52
N SER B 163 -24.59 -3.24 -25.82
CA SER B 163 -24.66 -3.21 -24.35
C SER B 163 -26.10 -3.08 -23.87
N ASN B 164 -26.45 -3.82 -22.83
CA ASN B 164 -27.82 -3.78 -22.29
C ASN B 164 -27.85 -3.14 -20.89
N MET B 165 -29.01 -3.13 -20.26
CA MET B 165 -29.12 -2.52 -18.92
C MET B 165 -28.51 -3.37 -17.83
N MET B 166 -28.40 -4.69 -18.03
CA MET B 166 -27.57 -5.52 -17.11
C MET B 166 -26.15 -5.00 -17.10
N PHE B 167 -25.63 -4.66 -18.27
CA PHE B 167 -24.30 -4.08 -18.37
C PHE B 167 -24.23 -2.72 -17.70
N ALA B 168 -25.19 -1.84 -18.02
CA ALA B 168 -25.12 -0.48 -17.53
C ALA B 168 -25.19 -0.45 -16.01
N PHE B 169 -26.06 -1.27 -15.44
CA PHE B 169 -26.21 -1.22 -13.99
C PHE B 169 -25.07 -1.97 -13.32
N PHE B 170 -24.48 -2.92 -14.03
CA PHE B 170 -23.28 -3.55 -13.49
C PHE B 170 -22.13 -2.56 -13.45
N ALA B 171 -21.95 -1.78 -14.52
CA ALA B 171 -20.91 -0.75 -14.51
C ALA B 171 -21.10 0.19 -13.31
N GLN B 172 -22.32 0.63 -13.10
CA GLN B 172 -22.57 1.61 -12.02
C GLN B 172 -22.31 0.96 -10.65
N HIS B 173 -22.91 -0.20 -10.44
CA HIS B 173 -22.73 -0.92 -9.18
C HIS B 173 -21.26 -1.20 -8.87
N PHE B 174 -20.56 -1.82 -9.81
CA PHE B 174 -19.16 -2.20 -9.64
C PHE B 174 -18.27 -0.99 -9.36
N THR B 175 -18.35 0.04 -10.20
CA THR B 175 -17.43 1.18 -10.03
C THR B 175 -17.70 1.99 -8.80
N HIS B 176 -18.93 1.96 -8.29
CA HIS B 176 -19.25 2.85 -7.17
C HIS B 176 -18.74 2.28 -5.83
N GLN B 177 -18.02 1.16 -5.86
CA GLN B 177 -17.22 0.82 -4.68
C GLN B 177 -15.93 1.61 -4.64
N PHE B 178 -15.45 2.13 -5.77
CA PHE B 178 -14.16 2.87 -5.69
C PHE B 178 -14.23 4.28 -6.24
N PHE B 179 -15.35 4.65 -6.86
CA PHE B 179 -15.67 6.06 -7.10
C PHE B 179 -16.72 6.46 -6.04
N LYS B 180 -16.27 7.12 -4.97
CA LYS B 180 -17.12 7.51 -3.85
C LYS B 180 -16.64 8.86 -3.38
N THR B 181 -16.99 9.89 -4.12
CA THR B 181 -16.40 11.19 -3.87
C THR B 181 -16.85 11.79 -2.54
N ASP B 182 -15.87 12.30 -1.77
CA ASP B 182 -16.16 12.92 -0.47
C ASP B 182 -16.52 14.38 -0.69
N HIS B 183 -17.78 14.64 -1.02
CA HIS B 183 -18.20 15.96 -1.44
C HIS B 183 -18.05 17.01 -0.33
N LYS B 184 -18.03 16.57 0.92
CA LYS B 184 -17.77 17.46 2.05
C LYS B 184 -16.36 18.08 1.92
N ARG B 185 -15.41 17.29 1.42
CA ARG B 185 -14.03 17.75 1.26
C ARG B 185 -13.80 18.40 -0.10
N GLY B 186 -14.40 17.84 -1.14
CA GLY B 186 -14.28 18.37 -2.50
C GLY B 186 -14.11 17.25 -3.52
N PRO B 187 -14.20 17.58 -4.83
CA PRO B 187 -14.20 16.56 -5.89
C PRO B 187 -12.92 15.73 -6.02
N GLY B 188 -11.82 16.20 -5.45
CA GLY B 188 -10.53 15.51 -5.54
C GLY B 188 -10.30 14.52 -4.39
N PHE B 189 -11.33 14.34 -3.57
CA PHE B 189 -11.29 13.47 -2.39
C PHE B 189 -12.26 12.27 -2.49
N THR B 190 -11.84 11.13 -1.93
CA THR B 190 -12.64 9.93 -1.98
C THR B 190 -12.92 9.39 -0.58
N ARG B 191 -14.06 8.73 -0.44
CA ARG B 191 -14.38 7.97 0.77
C ARG B 191 -14.02 6.50 0.66
N GLY B 192 -13.53 6.09 -0.50
CA GLY B 192 -13.15 4.69 -0.74
C GLY B 192 -11.69 4.47 -0.47
N LEU B 193 -11.35 4.34 0.81
CA LEU B 193 -9.94 4.34 1.17
C LEU B 193 -9.23 3.05 0.82
N GLY B 194 -9.98 2.02 0.43
CA GLY B 194 -9.37 0.79 -0.04
C GLY B 194 -8.84 0.94 -1.46
N HIS B 195 -9.30 2.01 -2.13
CA HIS B 195 -8.82 2.37 -3.46
C HIS B 195 -8.86 1.21 -4.47
N GLY B 196 -9.99 0.52 -4.51
CA GLY B 196 -10.07 -0.62 -5.41
C GLY B 196 -11.22 -1.57 -5.14
N VAL B 197 -11.00 -2.81 -5.55
CA VAL B 197 -12.05 -3.81 -5.52
C VAL B 197 -11.99 -4.55 -4.17
N ASP B 198 -12.55 -3.92 -3.13
CA ASP B 198 -12.59 -4.53 -1.79
C ASP B 198 -14.01 -4.94 -1.40
N LEU B 199 -14.96 -4.63 -2.28
CA LEU B 199 -16.38 -4.97 -2.09
C LEU B 199 -16.95 -4.24 -0.87
N ASN B 200 -16.44 -3.04 -0.58
CA ASN B 200 -17.07 -2.22 0.45
C ASN B 200 -18.53 -1.81 0.13
N HIS B 201 -18.91 -1.89 -1.15
CA HIS B 201 -20.27 -1.54 -1.56
C HIS B 201 -21.24 -2.65 -1.20
N ILE B 202 -20.69 -3.77 -0.75
CA ILE B 202 -21.48 -4.85 -0.17
C ILE B 202 -21.32 -4.93 1.34
N TYR B 203 -20.09 -4.79 1.79
CA TYR B 203 -19.76 -5.04 3.18
C TYR B 203 -19.64 -3.83 4.07
N GLY B 204 -19.66 -2.64 3.48
CA GLY B 204 -19.43 -1.43 4.25
C GLY B 204 -17.98 -0.99 4.24
N GLU B 205 -17.78 0.32 4.20
CA GLU B 205 -16.43 0.90 4.20
C GLU B 205 -15.73 0.72 5.55
N THR B 206 -16.50 0.81 6.63
CA THR B 206 -15.94 0.74 7.99
C THR B 206 -16.35 -0.54 8.71
N LEU B 207 -15.58 -0.91 9.72
CA LEU B 207 -15.89 -2.07 10.52
C LEU B 207 -17.26 -1.92 11.20
N ASP B 208 -17.56 -0.72 11.68
CA ASP B 208 -18.81 -0.48 12.39
C ASP B 208 -19.99 -0.77 11.48
N ARG B 209 -19.92 -0.27 10.26
CA ARG B 209 -20.99 -0.55 9.31
C ARG B 209 -21.12 -2.05 8.96
N GLN B 210 -19.97 -2.67 8.68
CA GLN B 210 -19.92 -4.09 8.38
C GLN B 210 -20.59 -4.90 9.49
N HIS B 211 -20.27 -4.55 10.72
CA HIS B 211 -20.79 -5.36 11.80
C HIS B 211 -22.29 -5.16 11.93
N LYS B 212 -22.80 -3.97 11.58
CA LYS B 212 -24.24 -3.80 11.60
C LYS B 212 -24.93 -4.57 10.48
N LEU B 213 -24.20 -4.87 9.40
CA LEU B 213 -24.81 -5.57 8.26
C LEU B 213 -24.73 -7.07 8.41
N ARG B 214 -23.87 -7.55 9.32
CA ARG B 214 -23.65 -8.97 9.46
C ARG B 214 -24.63 -9.65 10.42
N LEU B 215 -24.91 -10.91 10.12
CA LEU B 215 -25.80 -11.74 10.95
C LEU B 215 -25.09 -12.28 12.19
N PHE B 216 -23.78 -12.47 12.08
CA PHE B 216 -22.93 -13.12 13.11
C PHE B 216 -23.32 -14.57 13.39
N LYS B 217 -23.96 -15.19 12.40
CA LYS B 217 -24.17 -16.63 12.39
C LYS B 217 -23.76 -17.15 11.00
N ASP B 218 -22.91 -18.18 10.97
CA ASP B 218 -22.58 -18.87 9.72
C ASP B 218 -21.88 -18.00 8.67
N GLY B 219 -21.30 -16.89 9.11
CA GLY B 219 -20.57 -15.98 8.24
C GLY B 219 -21.46 -15.01 7.48
N LYS B 220 -22.77 -15.07 7.69
CA LYS B 220 -23.71 -14.45 6.72
C LYS B 220 -24.00 -13.00 6.97
N LEU B 221 -24.50 -12.37 5.90
CA LEU B 221 -25.09 -11.02 5.97
C LEU B 221 -26.54 -11.08 6.40
N LYS B 222 -26.98 -10.13 7.22
CA LYS B 222 -28.39 -9.99 7.53
C LYS B 222 -29.24 -9.81 6.28
N TYR B 223 -30.50 -10.21 6.40
CA TYR B 223 -31.46 -10.10 5.30
C TYR B 223 -32.89 -10.18 5.82
N GLN B 224 -33.84 -9.89 4.94
CA GLN B 224 -35.26 -10.05 5.23
C GLN B 224 -35.88 -10.87 4.12
N VAL B 225 -37.07 -11.42 4.38
CA VAL B 225 -37.74 -12.26 3.41
C VAL B 225 -39.12 -11.65 3.18
N ILE B 226 -39.34 -11.12 1.97
CA ILE B 226 -40.58 -10.46 1.61
C ILE B 226 -41.22 -11.24 0.47
N GLY B 227 -42.43 -11.75 0.70
CA GLY B 227 -43.10 -12.57 -0.28
C GLY B 227 -42.25 -13.77 -0.63
N GLY B 228 -41.52 -14.26 0.35
CA GLY B 228 -40.73 -15.47 0.21
C GLY B 228 -39.42 -15.26 -0.53
N GLU B 229 -39.07 -14.00 -0.80
CA GLU B 229 -37.83 -13.68 -1.53
C GLU B 229 -36.83 -12.97 -0.63
N VAL B 230 -35.54 -13.32 -0.73
CA VAL B 230 -34.51 -12.69 0.09
C VAL B 230 -34.09 -11.31 -0.43
N TYR B 231 -34.17 -10.32 0.46
CA TYR B 231 -33.77 -8.94 0.15
C TYR B 231 -32.82 -8.43 1.25
N PRO B 232 -32.09 -7.35 0.97
CA PRO B 232 -31.31 -6.75 2.06
C PRO B 232 -32.20 -6.31 3.23
N PRO B 233 -31.63 -6.22 4.42
CA PRO B 233 -32.41 -5.84 5.60
C PRO B 233 -32.76 -4.36 5.57
N THR B 234 -33.55 -3.88 6.53
CA THR B 234 -33.91 -2.46 6.51
C THR B 234 -32.94 -1.59 7.33
N VAL B 235 -33.02 -0.29 7.07
CA VAL B 235 -32.33 0.71 7.87
C VAL B 235 -32.74 0.63 9.35
N LYS B 236 -34.03 0.49 9.62
CA LYS B 236 -34.50 0.45 11.02
C LYS B 236 -33.94 -0.76 11.77
N ASP B 237 -33.93 -1.89 11.10
CA ASP B 237 -33.42 -3.13 11.69
C ASP B 237 -31.90 -3.09 12.00
N THR B 238 -31.12 -2.51 11.09
CA THR B 238 -29.66 -2.58 11.16
C THR B 238 -29.04 -1.34 11.78
N GLN B 239 -29.78 -0.23 11.79
CA GLN B 239 -29.24 1.07 12.15
C GLN B 239 -28.08 1.50 11.24
N VAL B 240 -28.10 0.97 10.01
CA VAL B 240 -27.13 1.38 8.99
C VAL B 240 -27.67 2.61 8.24
N GLU B 241 -26.87 3.66 8.14
CA GLU B 241 -27.27 4.87 7.42
C GLU B 241 -27.32 4.63 5.90
N MET B 242 -28.39 5.10 5.27
CA MET B 242 -28.59 5.09 3.82
C MET B 242 -29.10 6.44 3.35
N ILE B 243 -28.88 6.76 2.08
CA ILE B 243 -29.50 7.94 1.52
C ILE B 243 -30.88 7.58 0.98
N TYR B 244 -31.94 8.10 1.61
CA TYR B 244 -33.29 7.98 1.06
C TYR B 244 -34.10 9.26 1.27
N PRO B 245 -34.95 9.62 0.30
CA PRO B 245 -35.87 10.73 0.53
C PRO B 245 -36.76 10.44 1.76
N PRO B 246 -37.34 11.48 2.38
CA PRO B 246 -38.08 11.29 3.62
C PRO B 246 -39.32 10.39 3.48
N HIS B 247 -39.90 10.35 2.29
CA HIS B 247 -41.19 9.67 2.11
C HIS B 247 -41.14 8.15 1.86
N ILE B 248 -39.97 7.53 1.99
CA ILE B 248 -39.83 6.13 1.63
C ILE B 248 -40.33 5.22 2.76
N PRO B 249 -41.22 4.28 2.44
CA PRO B 249 -41.71 3.23 3.36
C PRO B 249 -40.59 2.51 4.12
N GLU B 250 -40.78 2.26 5.42
CA GLU B 250 -39.75 1.64 6.23
C GLU B 250 -39.19 0.37 5.58
N ASN B 251 -40.05 -0.50 5.06
CA ASN B 251 -39.49 -1.79 4.64
C ASN B 251 -38.85 -1.69 3.26
N LEU B 252 -38.97 -0.52 2.63
CA LEU B 252 -38.26 -0.28 1.37
C LEU B 252 -36.97 0.50 1.55
N GLN B 253 -36.62 0.85 2.79
CA GLN B 253 -35.31 1.47 3.04
C GLN B 253 -34.29 0.38 3.21
N PHE B 254 -33.94 -0.27 2.10
CA PHE B 254 -32.95 -1.33 2.13
C PHE B 254 -31.59 -0.79 2.54
N ALA B 255 -30.92 -1.54 3.40
CA ALA B 255 -29.58 -1.19 3.88
C ALA B 255 -28.50 -2.15 3.34
N VAL B 256 -27.53 -1.57 2.64
CA VAL B 256 -26.49 -2.33 1.97
C VAL B 256 -25.18 -1.59 2.17
N GLY B 257 -24.09 -2.19 1.70
CA GLY B 257 -22.77 -1.66 1.97
C GLY B 257 -22.56 -0.22 1.55
N GLN B 258 -23.06 0.10 0.35
CA GLN B 258 -22.94 1.44 -0.23
C GLN B 258 -24.18 2.31 0.05
N GLU B 259 -23.94 3.42 0.74
N GLU B 259 -23.98 3.42 0.76
CA GLU B 259 -24.98 4.34 1.20
CA GLU B 259 -25.12 4.26 1.20
C GLU B 259 -25.91 4.87 0.10
C GLU B 259 -25.98 4.82 0.07
N VAL B 260 -25.44 4.92 -1.14
CA VAL B 260 -26.23 5.52 -2.22
C VAL B 260 -27.02 4.51 -3.06
N PHE B 261 -26.93 3.22 -2.75
CA PHE B 261 -27.47 2.23 -3.68
C PHE B 261 -29.01 2.15 -3.63
N GLY B 262 -29.63 2.83 -2.69
CA GLY B 262 -31.08 2.97 -2.75
C GLY B 262 -31.53 3.93 -3.86
N LEU B 263 -30.58 4.68 -4.44
CA LEU B 263 -30.87 5.65 -5.52
C LEU B 263 -31.67 5.04 -6.66
N VAL B 264 -31.27 3.85 -7.09
CA VAL B 264 -31.92 3.30 -8.26
C VAL B 264 -32.09 1.78 -8.14
N PRO B 265 -33.23 1.26 -8.57
CA PRO B 265 -33.60 -0.14 -8.43
C PRO B 265 -32.64 -1.07 -9.14
N GLY B 266 -31.99 -0.59 -10.21
CA GLY B 266 -30.98 -1.37 -10.90
C GLY B 266 -29.78 -1.62 -9.99
N LEU B 267 -29.46 -0.66 -9.14
CA LEU B 267 -28.39 -0.84 -8.16
C LEU B 267 -28.82 -1.82 -7.11
N MET B 268 -30.05 -1.64 -6.60
N MET B 268 -30.04 -1.66 -6.60
CA MET B 268 -30.55 -2.55 -5.56
CA MET B 268 -30.51 -2.56 -5.54
C MET B 268 -30.66 -3.97 -6.09
C MET B 268 -30.73 -3.97 -6.08
N MET B 269 -30.94 -4.11 -7.38
CA MET B 269 -30.99 -5.43 -8.01
C MET B 269 -29.64 -6.18 -7.81
N TYR B 270 -28.53 -5.54 -8.18
CA TYR B 270 -27.22 -6.14 -7.95
C TYR B 270 -26.85 -6.25 -6.47
N ALA B 271 -27.24 -5.28 -5.65
CA ALA B 271 -26.97 -5.38 -4.22
C ALA B 271 -27.59 -6.64 -3.68
N THR B 272 -28.81 -6.93 -4.16
CA THR B 272 -29.51 -8.10 -3.69
C THR B 272 -28.86 -9.37 -4.18
N ILE B 273 -28.51 -9.41 -5.46
CA ILE B 273 -27.86 -10.56 -6.05
C ILE B 273 -26.55 -10.89 -5.31
N TRP B 274 -25.73 -9.86 -5.02
CA TRP B 274 -24.45 -10.13 -4.33
C TRP B 274 -24.61 -10.52 -2.85
N LEU B 275 -25.61 -9.97 -2.19
CA LEU B 275 -25.92 -10.38 -0.82
C LEU B 275 -26.27 -11.87 -0.82
N ARG B 276 -27.17 -12.28 -1.71
CA ARG B 276 -27.50 -13.70 -1.86
C ARG B 276 -26.24 -14.51 -2.16
N GLU B 277 -25.40 -14.02 -3.06
CA GLU B 277 -24.15 -14.74 -3.39
C GLU B 277 -23.24 -14.96 -2.15
N HIS B 278 -23.06 -13.93 -1.34
CA HIS B 278 -22.27 -14.05 -0.10
C HIS B 278 -22.83 -15.16 0.77
N ASN B 279 -24.14 -15.12 1.00
CA ASN B 279 -24.73 -16.13 1.90
C ASN B 279 -24.69 -17.53 1.27
N ARG B 280 -24.77 -17.62 -0.05
CA ARG B 280 -24.63 -18.90 -0.73
C ARG B 280 -23.24 -19.48 -0.49
N VAL B 281 -22.22 -18.62 -0.61
CA VAL B 281 -20.85 -19.07 -0.45
C VAL B 281 -20.62 -19.49 1.02
N CYS B 282 -21.25 -18.78 1.96
CA CYS B 282 -21.21 -19.18 3.38
C CYS B 282 -21.72 -20.60 3.56
N ASP B 283 -22.84 -20.91 2.90
CA ASP B 283 -23.42 -22.25 2.98
C ASP B 283 -22.43 -23.31 2.47
N ILE B 284 -21.79 -23.01 1.34
CA ILE B 284 -20.81 -23.94 0.75
C ILE B 284 -19.60 -24.15 1.67
N LEU B 285 -19.05 -23.06 2.20
CA LEU B 285 -17.90 -23.19 3.10
C LEU B 285 -18.25 -23.90 4.42
N LYS B 286 -19.47 -23.70 4.92
CA LYS B 286 -19.93 -24.37 6.13
C LYS B 286 -19.97 -25.89 5.93
N GLN B 287 -20.45 -26.28 4.75
CA GLN B 287 -20.50 -27.68 4.35
C GLN B 287 -19.10 -28.24 4.30
N GLU B 288 -18.17 -27.48 3.73
CA GLU B 288 -16.78 -27.89 3.62
C GLU B 288 -16.02 -27.84 4.94
N HIS B 289 -16.41 -26.92 5.82
CA HIS B 289 -15.71 -26.65 7.07
C HIS B 289 -16.69 -26.55 8.23
N PRO B 290 -17.25 -27.70 8.67
CA PRO B 290 -18.16 -27.71 9.83
C PRO B 290 -17.51 -27.14 11.07
N GLU B 291 -16.18 -27.19 11.10
CA GLU B 291 -15.41 -26.73 12.25
C GLU B 291 -15.12 -25.22 12.28
N TRP B 292 -15.40 -24.51 11.18
CA TRP B 292 -15.12 -23.07 11.16
C TRP B 292 -16.16 -22.23 11.91
N GLY B 293 -15.74 -21.09 12.44
CA GLY B 293 -16.65 -20.20 13.12
C GLY B 293 -17.19 -19.13 12.14
N ASP B 294 -18.14 -18.33 12.61
CA ASP B 294 -18.72 -17.21 11.85
C ASP B 294 -17.67 -16.26 11.22
N GLU B 295 -16.68 -15.86 12.01
CA GLU B 295 -15.73 -14.85 11.50
C GLU B 295 -14.95 -15.36 10.30
N GLN B 296 -14.43 -16.57 10.38
CA GLN B 296 -13.68 -17.14 9.24
C GLN B 296 -14.58 -17.41 8.04
N LEU B 297 -15.80 -17.85 8.30
CA LEU B 297 -16.78 -18.04 7.21
C LEU B 297 -17.02 -16.70 6.50
N PHE B 298 -17.27 -15.65 7.27
CA PHE B 298 -17.51 -14.34 6.70
C PHE B 298 -16.30 -13.85 5.90
N GLN B 299 -15.11 -13.88 6.51
CA GLN B 299 -13.93 -13.32 5.87
C GLN B 299 -13.57 -14.12 4.62
N THR B 300 -13.66 -15.44 4.68
CA THR B 300 -13.27 -16.25 3.54
C THR B 300 -14.27 -16.07 2.38
N SER B 301 -15.55 -15.93 2.70
CA SER B 301 -16.57 -15.63 1.67
C SER B 301 -16.29 -14.30 0.99
N ARG B 302 -15.91 -13.29 1.77
CA ARG B 302 -15.56 -12.00 1.20
C ARG B 302 -14.40 -12.11 0.21
N LEU B 303 -13.34 -12.83 0.58
CA LEU B 303 -12.24 -13.03 -0.35
C LEU B 303 -12.69 -13.72 -1.63
N ILE B 304 -13.56 -14.72 -1.47
CA ILE B 304 -14.07 -15.44 -2.63
C ILE B 304 -14.90 -14.51 -3.54
N LEU B 305 -15.80 -13.71 -2.97
CA LEU B 305 -16.56 -12.77 -3.81
C LEU B 305 -15.68 -11.71 -4.46
N ILE B 306 -14.58 -11.31 -3.79
CA ILE B 306 -13.66 -10.39 -4.45
C ILE B 306 -13.08 -11.05 -5.71
N GLY B 307 -12.64 -12.28 -5.58
CA GLY B 307 -12.14 -13.04 -6.73
C GLY B 307 -13.20 -13.23 -7.81
N GLU B 308 -14.43 -13.58 -7.43
CA GLU B 308 -15.52 -13.68 -8.40
C GLU B 308 -15.70 -12.39 -9.17
N THR B 309 -15.64 -11.29 -8.43
CA THR B 309 -15.86 -9.99 -9.04
C THR B 309 -14.80 -9.73 -10.11
N ILE B 310 -13.55 -9.97 -9.77
CA ILE B 310 -12.46 -9.68 -10.70
C ILE B 310 -12.56 -10.59 -11.93
N LYS B 311 -12.88 -11.86 -11.70
CA LYS B 311 -13.13 -12.84 -12.76
C LYS B 311 -14.20 -12.35 -13.76
N ILE B 312 -15.36 -11.96 -13.23
CA ILE B 312 -16.48 -11.53 -14.06
C ILE B 312 -16.13 -10.23 -14.79
N VAL B 313 -15.47 -9.30 -14.08
CA VAL B 313 -15.13 -8.02 -14.71
C VAL B 313 -14.18 -8.19 -15.89
N ILE B 314 -13.19 -9.07 -15.73
CA ILE B 314 -12.31 -9.30 -16.88
C ILE B 314 -12.97 -10.13 -17.98
N GLU B 315 -13.46 -11.32 -17.65
CA GLU B 315 -13.85 -12.27 -18.73
C GLU B 315 -15.28 -12.08 -19.27
N ASP B 316 -16.13 -11.34 -18.56
CA ASP B 316 -17.47 -11.01 -19.06
C ASP B 316 -17.60 -9.53 -19.41
N TYR B 317 -17.27 -8.68 -18.45
CA TYR B 317 -17.55 -7.25 -18.58
C TYR B 317 -16.57 -6.56 -19.53
N VAL B 318 -15.27 -6.68 -19.26
CA VAL B 318 -14.27 -6.08 -20.14
C VAL B 318 -14.25 -6.81 -21.50
N GLN B 319 -14.41 -8.13 -21.49
CA GLN B 319 -14.56 -8.91 -22.72
C GLN B 319 -15.62 -8.27 -23.62
N HIS B 320 -16.81 -8.06 -23.05
CA HIS B 320 -17.89 -7.43 -23.82
C HIS B 320 -17.51 -6.05 -24.37
N LEU B 321 -17.06 -5.16 -23.48
CA LEU B 321 -16.65 -3.81 -23.87
C LEU B 321 -15.56 -3.76 -24.93
N SER B 322 -14.59 -4.67 -24.83
CA SER B 322 -13.42 -4.64 -25.70
C SER B 322 -13.84 -4.79 -27.17
N GLY B 323 -14.83 -5.64 -27.42
CA GLY B 323 -15.15 -6.03 -28.78
C GLY B 323 -14.14 -6.99 -29.41
N TYR B 324 -13.19 -7.51 -28.63
CA TYR B 324 -12.11 -8.35 -29.18
C TYR B 324 -12.57 -9.77 -29.45
N HIS B 325 -12.02 -10.40 -30.48
CA HIS B 325 -12.20 -11.85 -30.69
C HIS B 325 -11.27 -12.64 -29.80
N PHE B 326 -10.20 -11.99 -29.34
CA PHE B 326 -9.33 -12.62 -28.37
C PHE B 326 -10.07 -12.82 -27.07
N LYS B 327 -9.90 -14.00 -26.47
CA LYS B 327 -10.57 -14.34 -25.21
C LYS B 327 -9.69 -13.95 -24.00
N LEU B 328 -10.07 -12.86 -23.36
CA LEU B 328 -9.36 -12.42 -22.13
C LEU B 328 -9.38 -13.49 -21.04
N LYS B 329 -8.40 -13.44 -20.13
CA LYS B 329 -8.25 -14.42 -19.07
C LYS B 329 -7.98 -13.73 -17.74
N PHE B 330 -8.72 -14.13 -16.70
CA PHE B 330 -8.31 -13.76 -15.34
C PHE B 330 -7.38 -14.84 -14.79
N ASP B 331 -6.10 -14.51 -14.69
CA ASP B 331 -5.09 -15.48 -14.24
C ASP B 331 -3.92 -14.77 -13.59
N PRO B 332 -3.99 -14.60 -12.26
CA PRO B 332 -2.89 -13.99 -11.51
C PRO B 332 -1.51 -14.58 -11.82
N GLU B 333 -1.46 -15.87 -12.15
CA GLU B 333 -0.16 -16.52 -12.41
C GLU B 333 0.59 -15.92 -13.57
N LEU B 334 -0.13 -15.32 -14.50
CA LEU B 334 0.44 -14.59 -15.63
C LEU B 334 1.46 -13.54 -15.22
N LEU B 335 1.33 -12.98 -14.01
CA LEU B 335 2.22 -11.89 -13.61
C LEU B 335 3.34 -12.38 -12.70
N PHE B 336 3.33 -13.66 -12.35
CA PHE B 336 4.24 -14.12 -11.27
C PHE B 336 5.71 -14.05 -11.68
N ASN B 337 5.98 -13.99 -12.98
CA ASN B 337 7.37 -13.84 -13.42
C ASN B 337 7.60 -12.47 -14.04
N GLN B 338 6.67 -11.55 -13.79
CA GLN B 338 6.77 -10.18 -14.28
C GLN B 338 7.04 -9.21 -13.14
N GLN B 339 7.51 -8.01 -13.48
CA GLN B 339 7.54 -6.90 -12.54
C GLN B 339 6.15 -6.25 -12.49
N PHE B 340 5.60 -6.14 -11.29
CA PHE B 340 4.24 -5.62 -11.15
C PHE B 340 4.03 -5.28 -9.68
N GLN B 341 3.45 -4.11 -9.39
CA GLN B 341 3.15 -3.71 -8.02
C GLN B 341 1.73 -4.10 -7.62
N TYR B 342 1.57 -4.91 -6.56
CA TYR B 342 0.23 -5.26 -6.09
C TYR B 342 -0.31 -4.17 -5.17
N GLN B 343 -0.57 -3.00 -5.75
CA GLN B 343 -1.19 -1.90 -5.04
C GLN B 343 -1.79 -1.00 -6.10
N ASN B 344 -2.71 -0.15 -5.69
CA ASN B 344 -3.31 0.78 -6.66
C ASN B 344 -3.94 1.92 -5.91
N ARG B 345 -4.01 3.09 -6.56
CA ARG B 345 -4.59 4.27 -5.97
C ARG B 345 -5.52 4.80 -7.08
N ILE B 346 -6.77 5.09 -6.72
CA ILE B 346 -7.78 5.47 -7.73
C ILE B 346 -7.51 6.89 -8.23
N ALA B 347 -7.43 7.01 -9.55
CA ALA B 347 -7.15 8.30 -10.18
C ALA B 347 -8.43 9.11 -10.44
N SER B 348 -8.35 10.41 -10.14
CA SER B 348 -9.43 11.33 -10.43
C SER B 348 -9.90 11.21 -11.89
N GLU B 349 -8.95 11.06 -12.81
CA GLU B 349 -9.31 11.06 -14.22
C GLU B 349 -10.00 9.74 -14.61
N PHE B 350 -9.72 8.68 -13.86
CA PHE B 350 -10.39 7.40 -14.07
C PHE B 350 -11.85 7.56 -13.69
N ASN B 351 -12.07 8.21 -12.55
CA ASN B 351 -13.43 8.56 -12.15
C ASN B 351 -14.17 9.40 -13.25
N THR B 352 -13.54 10.49 -13.66
CA THR B 352 -14.13 11.34 -14.71
C THR B 352 -14.50 10.59 -15.99
N LEU B 353 -13.57 9.78 -16.50
CA LEU B 353 -13.81 9.13 -17.79
C LEU B 353 -14.93 8.11 -17.65
N TYR B 354 -15.19 7.63 -16.42
CA TYR B 354 -16.21 6.62 -16.22
C TYR B 354 -17.62 7.19 -15.99
N HIS B 355 -17.80 8.47 -16.20
CA HIS B 355 -19.15 9.04 -16.13
C HIS B 355 -19.93 8.68 -17.40
N TRP B 356 -20.41 7.44 -17.43
CA TRP B 356 -21.02 6.89 -18.65
C TRP B 356 -22.54 7.07 -18.72
N HIS B 357 -23.02 8.22 -18.28
CA HIS B 357 -24.45 8.46 -18.26
C HIS B 357 -25.16 8.38 -19.63
N PRO B 358 -24.44 8.55 -20.76
CA PRO B 358 -25.17 8.23 -22.01
C PRO B 358 -25.67 6.78 -22.15
N LEU B 359 -25.15 5.82 -21.39
CA LEU B 359 -25.74 4.49 -21.35
C LEU B 359 -27.23 4.49 -20.99
N LEU B 360 -27.67 5.47 -20.22
CA LEU B 360 -28.99 5.39 -19.61
C LEU B 360 -30.05 5.58 -20.72
N PRO B 361 -31.10 4.74 -20.69
CA PRO B 361 -32.18 4.87 -21.68
C PRO B 361 -33.09 6.03 -21.35
N ASP B 362 -34.07 6.30 -22.23
CA ASP B 362 -35.03 7.35 -21.94
C ASP B 362 -36.08 6.89 -20.92
N THR B 363 -36.44 5.62 -21.01
CA THR B 363 -37.27 4.96 -19.98
C THR B 363 -36.69 3.62 -19.58
N PHE B 364 -37.09 3.15 -18.40
CA PHE B 364 -36.62 1.84 -17.89
C PHE B 364 -37.73 0.83 -18.06
N ASN B 365 -37.51 -0.11 -18.95
CA ASN B 365 -38.59 -0.96 -19.43
C ASN B 365 -38.56 -2.31 -18.75
N ILE B 366 -39.47 -2.49 -17.79
CA ILE B 366 -39.53 -3.75 -17.07
C ILE B 366 -40.89 -4.42 -17.33
N GLU B 367 -40.84 -5.66 -17.81
CA GLU B 367 -42.05 -6.38 -18.17
C GLU B 367 -42.80 -5.53 -19.18
N ASP B 368 -44.03 -5.14 -18.84
CA ASP B 368 -44.85 -4.38 -19.77
C ASP B 368 -44.82 -2.89 -19.46
N GLN B 369 -44.06 -2.50 -18.45
CA GLN B 369 -44.07 -1.10 -18.01
C GLN B 369 -42.87 -0.33 -18.56
N GLU B 370 -43.04 0.97 -18.71
CA GLU B 370 -41.94 1.84 -19.13
C GLU B 370 -41.85 2.97 -18.13
N TYR B 371 -40.87 2.90 -17.25
CA TYR B 371 -40.79 3.88 -16.19
C TYR B 371 -39.94 5.07 -16.60
N SER B 372 -40.41 6.27 -16.25
CA SER B 372 -39.59 7.48 -16.42
C SER B 372 -38.54 7.54 -15.33
N PHE B 373 -37.59 8.46 -15.47
CA PHE B 373 -36.58 8.68 -14.44
C PHE B 373 -37.25 9.04 -13.13
N LYS B 374 -38.26 9.89 -13.22
CA LYS B 374 -38.93 10.34 -12.02
C LYS B 374 -39.64 9.17 -11.32
N GLN B 375 -40.14 8.23 -12.11
CA GLN B 375 -40.82 7.05 -11.55
C GLN B 375 -39.82 6.00 -11.01
N PHE B 376 -38.67 5.93 -11.66
CA PHE B 376 -37.68 4.90 -11.37
C PHE B 376 -36.80 5.22 -10.16
N LEU B 377 -36.38 6.47 -10.03
CA LEU B 377 -35.48 6.87 -8.93
C LEU B 377 -36.08 6.62 -7.55
N TYR B 378 -35.22 6.18 -6.65
CA TYR B 378 -35.51 5.80 -5.26
C TYR B 378 -36.75 4.95 -5.09
N ASN B 379 -37.09 4.18 -6.10
CA ASN B 379 -38.31 3.41 -6.04
C ASN B 379 -38.12 1.87 -5.98
N ASN B 380 -37.77 1.36 -4.81
CA ASN B 380 -37.61 -0.08 -4.65
C ASN B 380 -38.91 -0.87 -4.76
N SER B 381 -40.05 -0.19 -4.70
CA SER B 381 -41.31 -0.87 -4.93
C SER B 381 -41.34 -1.59 -6.29
N ILE B 382 -40.71 -0.98 -7.29
CA ILE B 382 -40.63 -1.56 -8.61
C ILE B 382 -39.91 -2.92 -8.59
N LEU B 383 -38.85 -3.00 -7.79
CA LEU B 383 -38.10 -4.25 -7.66
C LEU B 383 -38.97 -5.31 -7.00
N LEU B 384 -39.67 -4.94 -5.94
CA LEU B 384 -40.52 -5.89 -5.23
C LEU B 384 -41.68 -6.32 -6.12
N GLU B 385 -42.26 -5.39 -6.86
CA GLU B 385 -43.40 -5.68 -7.71
C GLU B 385 -43.09 -6.70 -8.82
N HIS B 386 -42.00 -6.47 -9.56
CA HIS B 386 -41.66 -7.33 -10.69
C HIS B 386 -40.84 -8.55 -10.31
N GLY B 387 -40.00 -8.38 -9.29
CA GLY B 387 -39.11 -9.43 -8.81
C GLY B 387 -37.79 -9.42 -9.57
N LEU B 388 -36.77 -10.07 -9.01
CA LEU B 388 -35.45 -10.12 -9.63
C LEU B 388 -35.47 -10.86 -10.95
N THR B 389 -36.24 -11.94 -11.03
CA THR B 389 -36.25 -12.74 -12.26
C THR B 389 -36.66 -11.85 -13.46
N GLN B 390 -37.74 -11.11 -13.28
CA GLN B 390 -38.24 -10.21 -14.34
C GLN B 390 -37.28 -9.03 -14.59
N PHE B 391 -36.67 -8.53 -13.52
CA PHE B 391 -35.66 -7.49 -13.72
C PHE B 391 -34.57 -7.99 -14.67
N VAL B 392 -34.05 -9.17 -14.39
CA VAL B 392 -32.96 -9.71 -15.21
C VAL B 392 -33.43 -9.93 -16.67
N GLU B 393 -34.60 -10.56 -16.84
CA GLU B 393 -35.09 -10.80 -18.20
C GLU B 393 -35.24 -9.47 -18.96
N SER B 394 -35.79 -8.46 -18.32
CA SER B 394 -36.08 -7.21 -18.99
C SER B 394 -34.79 -6.43 -19.26
N PHE B 395 -33.90 -6.38 -18.27
CA PHE B 395 -32.71 -5.59 -18.48
C PHE B 395 -31.73 -6.25 -19.43
N THR B 396 -31.82 -7.57 -19.57
CA THR B 396 -30.96 -8.29 -20.50
C THR B 396 -31.37 -7.93 -21.94
N ARG B 397 -32.67 -7.69 -22.11
CA ARG B 397 -33.24 -7.34 -23.43
C ARG B 397 -33.18 -5.87 -23.81
N GLN B 398 -33.03 -4.98 -22.83
CA GLN B 398 -33.06 -3.53 -23.11
C GLN B 398 -31.70 -2.94 -23.45
N ILE B 399 -31.64 -2.33 -24.64
CA ILE B 399 -30.39 -1.75 -25.17
C ILE B 399 -30.00 -0.47 -24.41
N ALA B 400 -28.71 -0.33 -24.13
CA ALA B 400 -28.20 0.88 -23.51
C ALA B 400 -27.72 1.87 -24.59
N GLY B 401 -27.46 3.11 -24.19
CA GLY B 401 -27.01 4.14 -25.12
C GLY B 401 -25.52 4.11 -25.45
N ARG B 402 -25.19 4.63 -26.62
CA ARG B 402 -23.79 4.83 -27.01
C ARG B 402 -23.14 5.92 -26.17
N VAL B 403 -21.86 5.76 -25.82
CA VAL B 403 -21.21 6.74 -24.93
C VAL B 403 -20.43 7.79 -25.72
N ALA B 404 -19.57 7.34 -26.64
CA ALA B 404 -18.89 8.27 -27.54
C ALA B 404 -19.84 8.71 -28.67
N GLY B 405 -19.36 9.59 -29.53
CA GLY B 405 -20.15 10.00 -30.72
C GLY B 405 -21.04 11.23 -30.58
N GLY B 406 -21.22 11.74 -29.37
CA GLY B 406 -21.87 13.01 -29.17
C GLY B 406 -23.35 12.93 -28.88
N ARG B 407 -23.87 13.95 -28.19
CA ARG B 407 -25.31 14.18 -28.05
C ARG B 407 -26.11 12.96 -27.60
N ASN B 408 -25.66 12.31 -26.52
CA ASN B 408 -26.44 11.21 -26.02
C ASN B 408 -26.58 11.14 -24.48
N VAL B 409 -26.26 12.23 -23.80
CA VAL B 409 -26.56 12.34 -22.36
C VAL B 409 -28.03 12.67 -22.13
N PRO B 410 -28.76 11.81 -21.40
CA PRO B 410 -30.18 12.03 -21.11
C PRO B 410 -30.38 13.35 -20.36
N ILE B 411 -31.33 14.19 -20.78
CA ILE B 411 -31.49 15.44 -20.06
C ILE B 411 -31.88 15.27 -18.58
N ALA B 412 -32.47 14.13 -18.22
CA ALA B 412 -32.75 13.84 -16.81
C ALA B 412 -31.50 13.95 -15.92
N VAL B 413 -30.33 13.65 -16.48
CA VAL B 413 -29.11 13.81 -15.69
C VAL B 413 -28.18 14.88 -16.23
N GLN B 414 -28.76 15.92 -16.86
CA GLN B 414 -27.92 16.98 -17.42
C GLN B 414 -27.06 17.66 -16.36
N ALA B 415 -27.56 17.78 -15.13
CA ALA B 415 -26.80 18.42 -14.07
C ALA B 415 -25.54 17.62 -13.72
N VAL B 416 -25.58 16.30 -13.92
CA VAL B 416 -24.41 15.44 -13.63
C VAL B 416 -23.32 15.72 -14.67
N ALA B 417 -23.72 15.79 -15.94
CA ALA B 417 -22.78 16.08 -17.01
C ALA B 417 -22.15 17.46 -16.82
N LYS B 418 -22.94 18.43 -16.38
CA LYS B 418 -22.39 19.76 -16.15
C LYS B 418 -21.43 19.73 -14.97
N ALA B 419 -21.79 19.01 -13.91
CA ALA B 419 -20.86 18.88 -12.76
C ALA B 419 -19.54 18.21 -13.16
N SER B 420 -19.56 17.22 -14.04
CA SER B 420 -18.31 16.59 -14.46
C SER B 420 -17.41 17.62 -15.16
N ILE B 421 -18.00 18.49 -15.99
CA ILE B 421 -17.22 19.58 -16.56
C ILE B 421 -16.74 20.58 -15.48
N ASP B 422 -17.66 21.05 -14.64
CA ASP B 422 -17.32 22.11 -13.68
C ASP B 422 -16.26 21.62 -12.71
N GLN B 423 -16.38 20.35 -12.32
CA GLN B 423 -15.46 19.81 -11.31
C GLN B 423 -14.09 19.49 -11.90
N SER B 424 -14.06 19.08 -13.18
CA SER B 424 -12.79 18.97 -13.93
C SER B 424 -12.02 20.27 -13.85
N ARG B 425 -12.73 21.37 -14.10
CA ARG B 425 -12.11 22.69 -14.08
C ARG B 425 -11.66 23.09 -12.69
N GLU B 426 -12.51 22.80 -11.71
CA GLU B 426 -12.19 23.11 -10.33
C GLU B 426 -10.92 22.37 -9.89
N MET B 427 -10.78 21.13 -10.35
CA MET B 427 -9.59 20.32 -10.05
C MET B 427 -8.42 20.65 -10.97
N LYS B 428 -8.58 21.69 -11.80
CA LYS B 428 -7.49 22.14 -12.68
C LYS B 428 -6.93 21.04 -13.56
N TYR B 429 -7.80 20.27 -14.21
CA TYR B 429 -7.38 19.28 -15.19
C TYR B 429 -6.62 19.93 -16.36
N GLN B 430 -5.57 19.27 -16.80
CA GLN B 430 -4.93 19.56 -18.08
C GLN B 430 -5.87 19.17 -19.23
N SER B 431 -5.50 19.58 -20.44
CA SER B 431 -6.40 19.47 -21.58
C SER B 431 -6.44 18.05 -22.12
N LEU B 432 -7.43 17.78 -22.98
CA LEU B 432 -7.54 16.53 -23.69
C LEU B 432 -6.23 16.11 -24.31
N ASN B 433 -5.59 17.01 -25.07
CA ASN B 433 -4.38 16.59 -25.78
C ASN B 433 -3.20 16.33 -24.86
N GLU B 434 -3.16 16.96 -23.69
CA GLU B 434 -2.11 16.64 -22.73
C GLU B 434 -2.34 15.21 -22.23
N TYR B 435 -3.59 14.86 -21.94
CA TYR B 435 -3.91 13.47 -21.55
C TYR B 435 -3.65 12.48 -22.67
N ARG B 436 -3.96 12.84 -23.92
CA ARG B 436 -3.61 11.94 -25.00
C ARG B 436 -2.10 11.67 -25.04
N LYS B 437 -1.28 12.71 -24.94
CA LYS B 437 0.17 12.51 -24.92
C LYS B 437 0.61 11.63 -23.74
N ARG B 438 -0.02 11.86 -22.60
CA ARG B 438 0.32 11.10 -21.37
C ARG B 438 0.11 9.60 -21.60
N PHE B 439 -0.84 9.24 -22.47
CA PHE B 439 -1.15 7.83 -22.69
C PHE B 439 -0.75 7.39 -24.10
N SER B 440 0.29 8.03 -24.63
CA SER B 440 0.96 7.60 -25.87
C SER B 440 0.11 7.73 -27.12
N LEU B 441 -0.79 8.71 -27.12
CA LEU B 441 -1.66 8.97 -28.28
C LEU B 441 -1.22 10.25 -28.95
N LYS B 442 -1.47 10.33 -30.25
CA LYS B 442 -1.19 11.55 -31.00
C LYS B 442 -2.21 12.63 -30.65
N PRO B 443 -1.74 13.84 -30.33
CA PRO B 443 -2.68 14.95 -30.11
C PRO B 443 -3.60 15.15 -31.32
N TYR B 444 -4.87 15.45 -31.09
CA TYR B 444 -5.76 15.83 -32.21
C TYR B 444 -5.34 17.17 -32.78
N THR B 445 -5.41 17.33 -34.11
CA THR B 445 -4.97 18.59 -34.73
C THR B 445 -6.13 19.45 -35.19
N SER B 446 -7.35 18.95 -35.04
CA SER B 446 -8.54 19.75 -35.28
C SER B 446 -9.73 19.17 -34.54
N PHE B 447 -10.78 19.97 -34.41
CA PHE B 447 -12.02 19.50 -33.82
C PHE B 447 -12.69 18.49 -34.74
N GLU B 448 -12.53 18.66 -36.05
CA GLU B 448 -13.13 17.69 -36.97
C GLU B 448 -12.44 16.33 -36.87
N GLU B 449 -11.14 16.30 -36.57
CA GLU B 449 -10.43 15.04 -36.36
C GLU B 449 -10.97 14.34 -35.08
N LEU B 450 -11.17 15.12 -34.03
CA LEU B 450 -11.74 14.61 -32.78
C LEU B 450 -13.12 13.94 -32.95
N THR B 451 -14.03 14.60 -33.67
CA THR B 451 -15.41 14.12 -33.73
C THR B 451 -15.70 13.24 -34.95
N GLY B 452 -14.85 13.34 -35.96
CA GLY B 452 -15.09 12.64 -37.21
C GLY B 452 -16.26 13.19 -38.02
N GLU B 453 -16.81 14.34 -37.62
CA GLU B 453 -17.92 14.93 -38.36
C GLU B 453 -17.74 16.45 -38.40
N LYS B 454 -18.75 17.19 -38.88
CA LYS B 454 -18.61 18.63 -39.04
C LYS B 454 -19.41 19.51 -38.09
N GLU B 455 -20.61 19.08 -37.72
CA GLU B 455 -21.51 19.99 -37.02
C GLU B 455 -21.10 20.23 -35.55
N MET B 456 -20.89 19.15 -34.80
CA MET B 456 -20.40 19.33 -33.43
C MET B 456 -19.02 19.99 -33.44
N ALA B 457 -18.17 19.53 -34.35
CA ALA B 457 -16.82 20.08 -34.45
C ALA B 457 -16.82 21.60 -34.59
N ALA B 458 -17.78 22.13 -35.38
CA ALA B 458 -17.86 23.58 -35.56
C ALA B 458 -18.37 24.28 -34.29
N GLU B 459 -19.31 23.67 -33.60
CA GLU B 459 -19.79 24.26 -32.36
C GLU B 459 -18.59 24.29 -31.36
N LEU B 460 -17.82 23.21 -31.35
CA LEU B 460 -16.67 23.13 -30.42
C LEU B 460 -15.60 24.15 -30.78
N LYS B 461 -15.32 24.27 -32.08
CA LYS B 461 -14.34 25.25 -32.57
C LYS B 461 -14.67 26.64 -32.09
N ALA B 462 -15.96 27.00 -32.15
CA ALA B 462 -16.39 28.34 -31.81
C ALA B 462 -16.33 28.55 -30.31
N LEU B 463 -16.63 27.50 -29.55
CA LEU B 463 -16.57 27.56 -28.09
C LEU B 463 -15.15 27.60 -27.50
N TYR B 464 -14.27 26.74 -28.01
CA TYR B 464 -12.95 26.53 -27.42
C TYR B 464 -11.80 27.20 -28.16
N SER B 465 -12.04 27.50 -29.44
CA SER B 465 -11.07 28.16 -30.32
C SER B 465 -9.83 27.32 -30.67
N ASP B 466 -9.13 26.76 -29.67
CA ASP B 466 -7.94 25.95 -29.92
C ASP B 466 -8.19 24.48 -29.56
N ILE B 467 -7.89 23.55 -30.48
CA ILE B 467 -8.03 22.12 -30.17
C ILE B 467 -7.17 21.72 -28.96
N ASP B 468 -6.06 22.42 -28.76
CA ASP B 468 -5.18 22.09 -27.64
C ASP B 468 -5.70 22.52 -26.25
N VAL B 469 -6.84 23.20 -26.18
CA VAL B 469 -7.49 23.47 -24.89
C VAL B 469 -8.88 22.79 -24.78
N MET B 470 -9.16 21.88 -25.71
CA MET B 470 -10.36 21.07 -25.62
C MET B 470 -10.24 20.26 -24.33
N GLU B 471 -11.36 20.10 -23.64
CA GLU B 471 -11.38 19.43 -22.32
C GLU B 471 -11.59 17.92 -22.42
N LEU B 472 -11.03 17.17 -21.47
CA LEU B 472 -11.08 15.73 -21.50
C LEU B 472 -12.48 15.15 -21.49
N TYR B 473 -13.31 15.54 -20.51
CA TYR B 473 -14.57 14.84 -20.33
C TYR B 473 -15.53 15.05 -21.52
N PRO B 474 -15.73 16.31 -21.94
CA PRO B 474 -16.65 16.42 -23.10
C PRO B 474 -16.04 15.76 -24.33
N ALA B 475 -14.71 15.78 -24.49
CA ALA B 475 -14.09 15.09 -25.62
C ALA B 475 -14.42 13.60 -25.69
N LEU B 476 -14.38 12.94 -24.53
CA LEU B 476 -14.67 11.52 -24.45
C LEU B 476 -16.06 11.20 -24.98
N LEU B 477 -17.00 12.08 -24.71
CA LEU B 477 -18.39 11.83 -25.09
C LEU B 477 -18.75 12.28 -26.52
N VAL B 478 -17.88 13.07 -27.16
CA VAL B 478 -18.13 13.52 -28.56
C VAL B 478 -17.16 12.84 -29.53
N GLU B 479 -16.16 12.15 -28.99
CA GLU B 479 -15.12 11.55 -29.81
C GLU B 479 -15.71 10.60 -30.86
N LYS B 480 -15.12 10.61 -32.07
CA LYS B 480 -15.46 9.61 -33.08
C LYS B 480 -15.31 8.17 -32.53
N PRO B 481 -16.40 7.40 -32.53
CA PRO B 481 -16.27 6.03 -32.04
C PRO B 481 -15.45 5.21 -33.00
N ARG B 482 -14.79 4.17 -32.49
CA ARG B 482 -14.35 3.09 -33.36
C ARG B 482 -15.58 2.59 -34.16
N PRO B 483 -15.33 1.94 -35.30
CA PRO B 483 -16.42 1.44 -36.17
C PRO B 483 -17.43 0.58 -35.42
N ASP B 484 -18.69 1.01 -35.38
CA ASP B 484 -19.75 0.31 -34.67
C ASP B 484 -19.38 0.04 -33.22
N ALA B 485 -18.61 0.93 -32.61
CA ALA B 485 -18.16 0.69 -31.24
C ALA B 485 -18.78 1.70 -30.28
N ILE B 486 -18.73 1.36 -28.98
CA ILE B 486 -19.37 2.21 -28.01
C ILE B 486 -18.45 3.39 -27.64
N PHE B 487 -17.14 3.20 -27.83
CA PHE B 487 -16.14 4.18 -27.40
C PHE B 487 -15.23 4.64 -28.52
N GLY B 488 -14.62 5.82 -28.33
CA GLY B 488 -13.49 6.23 -29.16
C GLY B 488 -12.15 5.88 -28.54
N GLU B 489 -11.08 6.20 -29.26
CA GLU B 489 -9.72 5.84 -28.89
C GLU B 489 -9.28 6.31 -27.50
N THR B 490 -9.57 7.58 -27.18
CA THR B 490 -9.14 8.14 -25.89
C THR B 490 -9.76 7.39 -24.72
N MET B 491 -11.04 7.02 -24.83
CA MET B 491 -11.68 6.30 -23.72
C MET B 491 -10.98 4.95 -23.42
N VAL B 492 -10.67 4.18 -24.45
CA VAL B 492 -10.08 2.87 -24.26
C VAL B 492 -8.63 2.98 -23.78
N GLU B 493 -7.87 3.88 -24.41
CA GLU B 493 -6.43 3.94 -24.14
C GLU B 493 -6.12 4.60 -22.80
N LEU B 494 -7.07 5.35 -22.25
CA LEU B 494 -6.93 5.79 -20.86
C LEU B 494 -7.56 4.78 -19.91
N GLY B 495 -8.79 4.40 -20.20
CA GLY B 495 -9.54 3.49 -19.36
C GLY B 495 -8.88 2.15 -19.12
N ALA B 496 -8.31 1.55 -20.16
CA ALA B 496 -7.80 0.21 -20.02
C ALA B 496 -6.61 0.09 -19.04
N PRO B 497 -5.63 1.02 -19.09
CA PRO B 497 -4.57 0.97 -18.07
C PRO B 497 -5.13 1.09 -16.64
N PHE B 498 -5.97 2.10 -16.39
CA PHE B 498 -6.55 2.24 -15.05
C PHE B 498 -7.28 0.96 -14.63
N SER B 499 -8.08 0.41 -15.54
CA SER B 499 -8.91 -0.77 -15.25
C SER B 499 -8.09 -1.99 -14.87
N LEU B 500 -7.15 -2.35 -15.74
CA LEU B 500 -6.43 -3.60 -15.57
C LEU B 500 -5.46 -3.54 -14.38
N LYS B 501 -4.84 -2.39 -14.20
CA LYS B 501 -3.97 -2.15 -13.05
C LYS B 501 -4.72 -2.34 -11.74
N GLY B 502 -5.92 -1.76 -11.70
CA GLY B 502 -6.77 -1.81 -10.54
C GLY B 502 -7.25 -3.21 -10.23
N LEU B 503 -7.54 -3.98 -11.28
CA LEU B 503 -7.98 -5.36 -11.10
C LEU B 503 -6.85 -6.27 -10.64
N MET B 504 -5.73 -6.25 -11.34
CA MET B 504 -4.65 -7.20 -11.01
C MET B 504 -3.85 -6.74 -9.79
N GLY B 505 -3.92 -5.44 -9.46
CA GLY B 505 -3.18 -4.90 -8.32
C GLY B 505 -3.68 -5.38 -6.96
N ASN B 506 -4.88 -5.96 -6.98
CA ASN B 506 -5.49 -6.44 -5.73
C ASN B 506 -4.59 -7.47 -5.00
N PRO B 507 -4.55 -7.43 -3.66
CA PRO B 507 -3.67 -8.42 -3.01
C PRO B 507 -4.09 -9.87 -3.26
N ILE B 508 -5.35 -10.15 -3.60
CA ILE B 508 -5.68 -11.58 -3.77
C ILE B 508 -4.97 -12.13 -5.02
N CYS B 509 -4.45 -11.26 -5.86
CA CYS B 509 -3.73 -11.70 -7.06
C CYS B 509 -2.26 -11.91 -6.83
N SER B 510 -1.78 -11.50 -5.65
CA SER B 510 -0.35 -11.67 -5.35
C SER B 510 -0.04 -13.15 -5.08
N PRO B 511 1.22 -13.57 -5.29
CA PRO B 511 1.52 -14.99 -5.12
C PRO B 511 1.18 -15.54 -3.72
N GLN B 512 1.34 -14.76 -2.65
CA GLN B 512 1.10 -15.37 -1.33
C GLN B 512 -0.38 -15.50 -1.02
N TYR B 513 -1.23 -14.81 -1.77
CA TYR B 513 -2.68 -14.95 -1.61
C TYR B 513 -3.29 -15.94 -2.60
N TRP B 514 -2.73 -16.01 -3.81
CA TRP B 514 -3.37 -16.78 -4.90
C TRP B 514 -3.06 -18.27 -4.76
N LYS B 515 -3.71 -18.89 -3.78
CA LYS B 515 -3.53 -20.28 -3.33
C LYS B 515 -4.87 -20.78 -2.85
N PRO B 516 -5.14 -22.08 -3.00
CA PRO B 516 -6.41 -22.64 -2.50
C PRO B 516 -6.68 -22.38 -1.03
N SER B 517 -5.68 -22.48 -0.15
CA SER B 517 -5.94 -22.32 1.28
C SER B 517 -6.52 -20.93 1.63
N THR B 518 -6.21 -19.92 0.82
CA THR B 518 -6.71 -18.55 1.04
C THR B 518 -8.24 -18.51 1.02
N PHE B 519 -8.81 -19.38 0.19
CA PHE B 519 -10.26 -19.37 -0.08
C PHE B 519 -10.93 -20.62 0.49
N GLY B 520 -10.28 -21.22 1.48
CA GLY B 520 -10.87 -22.37 2.17
C GLY B 520 -10.66 -23.68 1.42
N GLY B 521 -9.70 -23.72 0.52
CA GLY B 521 -9.41 -24.93 -0.22
C GLY B 521 -9.88 -24.90 -1.65
N GLU B 522 -9.72 -26.02 -2.32
CA GLU B 522 -10.03 -26.15 -3.73
C GLU B 522 -11.48 -25.79 -4.04
N VAL B 523 -12.41 -26.13 -3.17
CA VAL B 523 -13.80 -25.78 -3.43
C VAL B 523 -14.00 -24.25 -3.54
N GLY B 524 -13.40 -23.51 -2.62
CA GLY B 524 -13.59 -22.06 -2.63
C GLY B 524 -12.84 -21.42 -3.78
N PHE B 525 -11.63 -21.93 -4.03
CA PHE B 525 -10.82 -21.46 -5.16
C PHE B 525 -11.59 -21.63 -6.46
N LYS B 526 -12.27 -22.76 -6.61
CA LYS B 526 -12.96 -23.02 -7.88
C LYS B 526 -14.18 -22.11 -8.05
N ILE B 527 -14.78 -21.68 -6.95
CA ILE B 527 -15.88 -20.72 -7.07
C ILE B 527 -15.38 -19.46 -7.78
N ILE B 528 -14.18 -18.99 -7.44
CA ILE B 528 -13.61 -17.83 -8.12
C ILE B 528 -13.35 -18.11 -9.60
N ASN B 529 -12.67 -19.20 -9.88
CA ASN B 529 -12.13 -19.38 -11.21
C ASN B 529 -13.13 -19.91 -12.24
N THR B 530 -14.36 -20.18 -11.78
CA THR B 530 -15.46 -20.57 -12.69
C THR B 530 -16.63 -19.56 -12.66
N ALA B 531 -16.45 -18.44 -11.97
CA ALA B 531 -17.49 -17.41 -11.87
C ALA B 531 -17.77 -16.75 -13.24
N SER B 532 -19.05 -16.48 -13.50
CA SER B 532 -19.45 -15.68 -14.66
C SER B 532 -20.66 -14.84 -14.32
N ILE B 533 -20.97 -13.87 -15.19
CA ILE B 533 -22.20 -13.11 -14.99
C ILE B 533 -23.43 -14.06 -15.09
N GLN B 534 -23.35 -15.08 -15.93
CA GLN B 534 -24.48 -15.99 -16.03
C GLN B 534 -24.59 -16.85 -14.77
N SER B 535 -23.47 -17.34 -14.24
CA SER B 535 -23.56 -18.18 -13.05
C SER B 535 -24.01 -17.35 -11.84
N LEU B 536 -23.62 -16.09 -11.80
CA LEU B 536 -24.02 -15.23 -10.67
C LEU B 536 -25.54 -15.12 -10.65
N ILE B 537 -26.13 -14.90 -11.82
CA ILE B 537 -27.58 -14.80 -11.90
C ILE B 537 -28.23 -16.18 -11.71
N CYS B 538 -27.65 -17.20 -12.31
CA CYS B 538 -28.22 -18.55 -12.23
C CYS B 538 -28.29 -19.06 -10.79
N ASN B 539 -27.27 -18.77 -10.00
CA ASN B 539 -27.20 -19.25 -8.63
C ASN B 539 -28.09 -18.49 -7.66
N ASN B 540 -28.42 -17.26 -8.00
CA ASN B 540 -29.08 -16.37 -7.03
C ASN B 540 -30.39 -15.74 -7.46
N VAL B 541 -30.90 -16.09 -8.64
CA VAL B 541 -32.16 -15.51 -9.10
C VAL B 541 -33.08 -16.68 -9.44
N LYS B 542 -34.28 -16.68 -8.86
CA LYS B 542 -35.25 -17.75 -9.07
C LYS B 542 -35.49 -18.03 -10.56
N GLY B 543 -35.44 -19.32 -10.94
CA GLY B 543 -35.67 -19.70 -12.32
C GLY B 543 -34.43 -19.69 -13.20
N CYS B 544 -33.30 -19.24 -12.66
CA CYS B 544 -32.07 -19.14 -13.43
C CYS B 544 -32.28 -18.54 -14.85
N PRO B 545 -32.72 -17.28 -14.93
CA PRO B 545 -32.91 -16.71 -16.27
C PRO B 545 -31.58 -16.55 -17.00
N PHE B 546 -31.62 -16.67 -18.31
CA PHE B 546 -30.46 -16.38 -19.13
C PHE B 546 -30.05 -14.91 -18.94
N THR B 547 -28.76 -14.65 -18.93
CA THR B 547 -28.36 -13.24 -18.96
C THR B 547 -27.02 -13.08 -19.64
N SER B 548 -26.69 -11.82 -19.92
CA SER B 548 -25.58 -11.45 -20.77
C SER B 548 -25.41 -9.95 -20.62
N PHE B 549 -24.25 -9.41 -21.00
CA PHE B 549 -24.06 -7.97 -21.06
C PHE B 549 -24.44 -7.40 -22.41
N ASN B 550 -24.81 -8.26 -23.34
CA ASN B 550 -25.30 -7.74 -24.62
C ASN B 550 -26.73 -8.18 -24.94
N VAL B 551 -27.43 -7.34 -25.67
CA VAL B 551 -28.78 -7.68 -26.12
C VAL B 551 -28.66 -8.79 -27.15
#